data_7Y0P
#
_entry.id   7Y0P
#
_cell.length_a   57.244
_cell.length_b   144.105
_cell.length_c   62.836
_cell.angle_alpha   90.000
_cell.angle_beta   99.940
_cell.angle_gamma   90.000
#
_symmetry.space_group_name_H-M   'P 1 21 1'
#
loop_
_entity.id
_entity.type
_entity.pdbx_description
1 polymer 'Bifunctional cytochrome P450/NADPH--P450 reductase'
2 non-polymer 'PROTOPORPHYRIN IX CONTAINING FE'
3 non-polymer HYDROXYAMINE
4 non-polymer '(2S)-2-(6-imidazol-1-ylhexanoylamino)-3-phenyl-propanoic acid'
5 non-polymer P-CRESOL
6 water water
#
_entity_poly.entity_id   1
_entity_poly.type   'polypeptide(L)'
_entity_poly.pdbx_seq_one_letter_code
;GMTIKEMPQPKTFGELKNLPLLNTDKPVQALMKIADELGEIFKFEAPGRVTRYLSSQRLIKEACDESRFDKNLSQALKFV
RDFTGDGLATSWTHEKNWKKAHNILLPSFSQQAMKGYHAMMVDIAVQLVQKWERLNADEHIEVPEDMTRLTLDTIGLCGF
NYRFNSFYRDQPHPFITSMVRALDEAMNKLQRANPDDPAYDENKRQFQEDIKVMNDLVDKIIADRKASGEQSDDLLTHML
NGKDPETGEPLDDENIRYQIITFLLAGHEVTSGLLSFALYFLVKNPHVLQKAAEEAARVLVDPVPSYKQVKQLKYVGMVL
NEALRLWPTAPAFSLYAKEDTVLGGEYPLEKGDELMVLIPQLHRDKTIWGDDVEEFRPERFENPSAIPQHAFKPFGNGQR
ACIGQQFALHEATLVLGMMLKHFDFEDHTNYELDIKETLTLKPEGFVVKAKSKKIPLLEHHHHHH
;
_entity_poly.pdbx_strand_id   B,A
#
loop_
_chem_comp.id
_chem_comp.type
_chem_comp.name
_chem_comp.formula
HEM non-polymer 'PROTOPORPHYRIN IX CONTAINING FE' 'C34 H32 Fe N4 O4'
HOA non-polymer HYDROXYAMINE 'H3 N O'
IC6 non-polymer '(2S)-2-(6-imidazol-1-ylhexanoylamino)-3-phenyl-propanoic acid' 'C18 H23 N3 O3'
PCR non-polymer P-CRESOL 'C7 H8 O'
#
# COMPACT_ATOMS: atom_id res chain seq x y z
N LYS A 5 19.46 16.28 23.25
CA LYS A 5 18.56 17.37 23.71
C LYS A 5 18.95 18.60 22.89
N GLU A 6 20.20 19.05 23.07
CA GLU A 6 20.75 20.17 22.33
C GLU A 6 21.17 19.69 20.94
N MET A 7 20.71 20.37 19.93
CA MET A 7 20.89 19.76 18.63
C MET A 7 22.16 20.27 18.01
N PRO A 8 23.03 19.40 17.49
CA PRO A 8 24.28 19.90 16.89
C PRO A 8 24.01 20.80 15.71
N GLN A 9 24.99 21.60 15.39
CA GLN A 9 24.78 22.47 14.27
C GLN A 9 26.18 22.62 13.71
N PRO A 10 26.35 22.56 12.40
CA PRO A 10 27.69 22.75 11.83
C PRO A 10 28.11 24.19 11.97
N LYS A 11 29.32 24.50 11.55
CA LYS A 11 29.90 25.80 11.78
C LYS A 11 29.08 26.90 11.12
N THR A 12 29.09 28.04 11.72
CA THR A 12 28.29 29.15 11.27
C THR A 12 29.21 30.25 10.79
N PHE A 13 28.64 31.15 10.00
CA PHE A 13 29.37 32.19 9.32
C PHE A 13 28.72 33.51 9.72
N GLY A 14 28.68 33.76 11.03
CA GLY A 14 28.09 35.01 11.50
C GLY A 14 26.64 35.06 11.08
N GLU A 15 26.25 36.19 10.50
CA GLU A 15 24.86 36.45 10.15
C GLU A 15 24.37 35.46 9.13
N LEU A 16 25.26 34.94 8.29
CA LEU A 16 24.84 33.94 7.30
C LEU A 16 24.57 32.60 7.94
N LYS A 17 24.84 32.45 9.23
CA LYS A 17 24.63 31.19 9.90
C LYS A 17 25.31 30.08 9.09
N ASN A 18 24.58 29.05 8.70
CA ASN A 18 25.16 27.93 7.99
C ASN A 18 25.09 28.08 6.49
N LEU A 19 24.45 29.13 6.00
CA LEU A 19 24.19 29.21 4.57
C LEU A 19 25.43 28.98 3.73
N PRO A 20 26.61 29.54 4.07
CA PRO A 20 27.79 29.31 3.22
C PRO A 20 28.16 27.87 3.07
N LEU A 21 27.68 27.00 3.94
CA LEU A 21 28.02 25.58 3.82
C LEU A 21 27.43 25.00 2.56
N LEU A 22 26.31 25.56 2.11
CA LEU A 22 25.66 25.16 0.89
C LEU A 22 26.22 25.84 -0.32
N ASN A 23 27.04 26.90 -0.15
CA ASN A 23 27.76 27.53 -1.24
C ASN A 23 28.97 26.67 -1.60
N THR A 24 28.68 25.50 -2.16
CA THR A 24 29.66 24.50 -2.53
C THR A 24 29.06 23.75 -3.71
N ASP A 25 29.88 23.18 -4.58
CA ASP A 25 29.24 22.56 -5.77
C ASP A 25 28.67 21.21 -5.39
N LYS A 26 29.02 20.69 -4.23
CA LYS A 26 28.48 19.39 -3.84
C LYS A 26 27.76 19.52 -2.48
N PRO A 27 26.64 20.24 -2.43
CA PRO A 27 26.04 20.52 -1.12
C PRO A 27 25.51 19.29 -0.44
N VAL A 28 24.96 18.35 -1.20
CA VAL A 28 24.47 17.11 -0.59
C VAL A 28 25.60 16.37 0.07
N GLN A 29 26.69 16.19 -0.66
CA GLN A 29 27.84 15.50 -0.09
C GLN A 29 28.41 16.27 1.09
N ALA A 30 28.40 17.60 1.01
CA ALA A 30 28.81 18.39 2.16
C ALA A 30 27.89 18.16 3.35
N LEU A 31 26.59 18.09 3.08
CA LEU A 31 25.64 17.82 4.16
C LEU A 31 25.84 16.42 4.72
N MET A 32 26.18 15.47 3.84
CA MET A 32 26.53 14.14 4.32
C MET A 32 27.76 14.19 5.22
N LYS A 33 28.77 14.92 4.82
CA LYS A 33 29.96 15.01 5.64
C LYS A 33 29.65 15.67 6.98
N ILE A 34 28.78 16.68 6.97
CA ILE A 34 28.36 17.29 8.22
C ILE A 34 27.64 16.26 9.06
N ALA A 35 26.77 15.49 8.41
CA ALA A 35 26.08 14.46 9.15
C ALA A 35 27.07 13.44 9.70
N ASP A 36 28.12 13.12 8.97
CA ASP A 36 29.14 12.22 9.53
C ASP A 36 29.76 12.81 10.78
N GLU A 37 30.05 14.10 10.76
CA GLU A 37 30.64 14.71 11.95
C GLU A 37 29.63 14.85 13.07
N LEU A 38 28.44 15.27 12.75
CA LEU A 38 27.49 15.69 13.76
C LEU A 38 26.49 14.60 14.12
N GLY A 39 26.32 13.61 13.27
CA GLY A 39 25.43 12.55 13.60
C GLY A 39 24.03 12.70 13.02
N GLU A 40 23.10 12.04 13.69
CA GLU A 40 21.82 11.77 13.06
C GLU A 40 20.96 13.02 12.88
N ILE A 41 21.28 14.12 13.53
CA ILE A 41 20.45 15.31 13.41
C ILE A 41 21.31 16.54 13.63
N PHE A 42 21.16 17.52 12.78
CA PHE A 42 21.79 18.78 13.04
C PHE A 42 20.90 19.89 12.52
N LYS A 43 20.90 20.94 13.28
CA LYS A 43 20.23 22.15 12.91
C LYS A 43 21.00 22.78 11.76
N PHE A 44 20.28 23.25 10.77
CA PHE A 44 20.91 23.95 9.68
C PHE A 44 20.12 25.22 9.51
N GLU A 45 20.78 26.34 9.68
CA GLU A 45 20.14 27.63 9.73
C GLU A 45 20.68 28.44 8.59
N ALA A 46 19.78 29.12 7.91
CA ALA A 46 20.09 30.12 6.93
C ALA A 46 19.39 31.39 7.43
N PRO A 47 19.64 32.56 6.85
CA PRO A 47 18.84 33.73 7.25
C PRO A 47 17.35 33.44 7.03
N GLY A 48 16.57 33.59 8.10
CA GLY A 48 15.13 33.36 8.05
C GLY A 48 14.73 31.97 7.65
N ARG A 49 15.60 30.99 7.89
CA ARG A 49 15.31 29.61 7.52
C ARG A 49 16.04 28.72 8.50
N VAL A 50 15.32 27.76 9.03
CA VAL A 50 15.90 26.76 9.92
C VAL A 50 15.39 25.43 9.47
N THR A 51 16.29 24.48 9.33
CA THR A 51 15.82 23.15 9.08
C THR A 51 16.71 22.21 9.86
N ARG A 52 16.27 20.98 9.97
CA ARG A 52 17.02 19.99 10.71
C ARG A 52 17.24 18.81 9.78
N TYR A 53 18.48 18.50 9.56
CA TYR A 53 18.84 17.43 8.68
C TYR A 53 18.85 16.16 9.48
N LEU A 54 18.03 15.22 9.05
CA LEU A 54 17.97 13.94 9.70
C LEU A 54 18.74 12.94 8.89
N SER A 55 19.46 12.08 9.55
CA SER A 55 20.30 11.11 8.86
C SER A 55 20.12 9.71 9.36
N SER A 56 19.43 9.51 10.47
CA SER A 56 19.34 8.19 11.07
C SER A 56 17.95 7.63 10.83
N GLN A 57 17.90 6.35 10.58
CA GLN A 57 16.61 5.72 10.46
C GLN A 57 15.82 5.93 11.74
N ARG A 58 16.52 6.07 12.86
CA ARG A 58 15.85 6.22 14.14
C ARG A 58 14.95 7.44 14.11
N LEU A 59 15.47 8.55 13.61
CA LEU A 59 14.67 9.77 13.58
C LEU A 59 13.80 9.83 12.34
N ILE A 60 14.30 9.36 11.21
CA ILE A 60 13.54 9.47 9.97
C ILE A 60 12.30 8.60 10.00
N LYS A 61 12.36 7.46 10.68
CA LYS A 61 11.15 6.66 10.81
C LYS A 61 10.08 7.44 11.53
N GLU A 62 10.47 8.30 12.47
CA GLU A 62 9.50 9.20 13.05
C GLU A 62 9.10 10.28 12.05
N ALA A 63 10.08 10.86 11.35
CA ALA A 63 9.77 11.88 10.37
C ALA A 63 8.81 11.35 9.34
N CYS A 64 8.85 10.07 9.07
CA CYS A 64 8.00 9.51 8.04
C CYS A 64 6.61 9.24 8.54
N ASP A 65 6.35 9.51 9.79
CA ASP A 65 4.99 9.36 10.30
C ASP A 65 4.14 10.48 9.74
N GLU A 66 3.26 10.14 8.80
CA GLU A 66 2.45 11.15 8.14
C GLU A 66 1.43 11.80 9.05
N SER A 67 1.09 11.19 10.19
CA SER A 67 0.20 11.93 11.08
C SER A 67 0.94 13.04 11.83
N ARG A 68 2.26 13.00 11.86
CA ARG A 68 3.05 14.03 12.52
C ARG A 68 3.76 14.97 11.56
N PHE A 69 4.16 14.47 10.39
CA PHE A 69 4.91 15.34 9.48
C PHE A 69 4.32 15.20 8.09
N ASP A 70 4.25 16.32 7.43
CA ASP A 70 3.77 16.40 6.05
C ASP A 70 4.96 16.81 5.18
N LYS A 71 4.86 16.55 3.90
CA LYS A 71 5.87 17.00 2.98
C LYS A 71 6.00 18.51 3.08
N ASN A 72 7.23 18.96 3.19
CA ASN A 72 7.54 20.36 3.10
C ASN A 72 8.20 20.61 1.74
N LEU A 73 7.95 21.76 1.18
CA LEU A 73 8.74 22.18 0.03
C LEU A 73 10.04 22.74 0.61
N SER A 74 11.14 22.04 0.40
CA SER A 74 12.42 22.61 0.75
C SER A 74 12.58 23.90 -0.03
N GLN A 75 13.62 24.65 0.31
CA GLN A 75 13.90 25.84 -0.48
C GLN A 75 14.14 25.48 -1.93
N ALA A 76 14.81 24.34 -2.16
CA ALA A 76 15.04 23.92 -3.53
C ALA A 76 13.74 23.72 -4.27
N LEU A 77 12.81 22.98 -3.64
CA LEU A 77 11.56 22.69 -4.30
C LEU A 77 10.76 23.94 -4.47
N LYS A 78 10.84 24.86 -3.50
CA LYS A 78 10.12 26.12 -3.65
C LYS A 78 10.61 26.85 -4.86
N PHE A 79 11.92 26.84 -5.07
CA PHE A 79 12.47 27.45 -6.28
C PHE A 79 12.09 26.64 -7.49
N VAL A 80 12.06 25.31 -7.38
CA VAL A 80 11.62 24.52 -8.53
C VAL A 80 10.16 24.78 -8.84
N ARG A 81 9.37 25.01 -7.81
CA ARG A 81 7.94 25.31 -7.98
C ARG A 81 7.76 26.50 -8.93
N ASP A 82 8.75 27.36 -9.00
CA ASP A 82 8.63 28.47 -9.91
C ASP A 82 8.46 28.02 -11.33
N PHE A 83 8.88 26.81 -11.67
CA PHE A 83 8.54 26.34 -13.01
C PHE A 83 7.78 25.03 -13.00
N THR A 84 7.77 24.28 -11.91
CA THR A 84 6.92 23.10 -11.86
C THR A 84 5.61 23.38 -11.16
N GLY A 85 5.37 24.62 -10.78
CA GLY A 85 4.11 25.03 -10.21
C GLY A 85 3.57 24.10 -9.14
N ASP A 86 2.25 23.92 -9.14
CA ASP A 86 1.61 22.94 -8.27
C ASP A 86 1.50 21.58 -8.94
N GLY A 87 2.51 21.28 -9.76
CA GLY A 87 2.74 19.91 -10.15
C GLY A 87 2.85 19.08 -8.91
N LEU A 88 2.72 17.77 -9.10
CA LEU A 88 2.64 16.86 -7.96
C LEU A 88 3.81 17.01 -7.00
N ALA A 89 5.01 17.20 -7.54
CA ALA A 89 6.22 17.16 -6.70
C ALA A 89 6.43 18.46 -5.96
N THR A 90 5.85 19.55 -6.44
CA THR A 90 6.07 20.83 -5.79
C THR A 90 4.77 21.43 -5.28
N SER A 91 3.74 20.63 -5.16
CA SER A 91 2.52 21.11 -4.54
CA SER A 91 2.55 21.15 -4.53
C SER A 91 2.52 20.71 -3.08
N TRP A 92 1.84 21.49 -2.26
CA TRP A 92 1.67 21.12 -0.88
C TRP A 92 0.57 20.10 -0.79
N THR A 93 0.65 19.25 0.22
CA THR A 93 -0.34 18.20 0.35
C THR A 93 -1.74 18.78 0.44
N HIS A 94 -1.87 19.95 1.04
CA HIS A 94 -3.19 20.58 1.26
C HIS A 94 -3.64 21.32 0.01
N GLU A 95 -2.80 21.37 -1.02
CA GLU A 95 -3.18 22.06 -2.28
C GLU A 95 -4.17 21.15 -3.01
N LYS A 96 -5.34 21.68 -3.35
CA LYS A 96 -6.38 20.93 -4.07
C LYS A 96 -5.76 20.17 -5.24
N ASN A 97 -4.89 20.80 -6.01
CA ASN A 97 -4.23 20.18 -7.17
C ASN A 97 -3.37 18.97 -6.77
N TRP A 98 -2.82 18.94 -5.57
CA TRP A 98 -1.98 17.77 -5.24
C TRP A 98 -2.82 16.50 -5.19
N LYS A 99 -3.89 16.53 -4.43
CA LYS A 99 -4.71 15.34 -4.21
C LYS A 99 -5.40 14.98 -5.53
N LYS A 100 -5.91 15.98 -6.22
CA LYS A 100 -6.58 15.83 -7.51
C LYS A 100 -5.63 15.17 -8.51
N ALA A 101 -4.47 15.75 -8.70
CA ALA A 101 -3.54 15.17 -9.68
C ALA A 101 -3.05 13.81 -9.21
N HIS A 102 -2.83 13.69 -7.91
CA HIS A 102 -2.42 12.41 -7.35
C HIS A 102 -3.46 11.34 -7.64
N ASN A 103 -4.75 11.66 -7.37
CA ASN A 103 -5.82 10.69 -7.61
C ASN A 103 -5.93 10.38 -9.08
N ILE A 104 -5.80 11.40 -9.91
CA ILE A 104 -5.94 11.23 -11.34
C ILE A 104 -4.79 10.44 -11.91
N LEU A 105 -3.57 10.72 -11.45
CA LEU A 105 -2.39 10.15 -12.10
C LEU A 105 -1.94 8.83 -11.52
N LEU A 106 -2.39 8.50 -10.33
CA LEU A 106 -1.91 7.29 -9.66
C LEU A 106 -2.09 6.06 -10.54
N PRO A 107 -3.24 5.86 -11.18
CA PRO A 107 -3.36 4.70 -12.07
C PRO A 107 -2.42 4.75 -13.25
N SER A 108 -2.02 5.94 -13.69
CA SER A 108 -1.16 5.86 -14.86
C SER A 108 0.29 5.64 -14.45
N PHE A 109 0.54 5.53 -13.16
CA PHE A 109 1.87 5.28 -12.67
C PHE A 109 2.01 3.97 -11.97
N SER A 110 0.94 3.20 -11.90
CA SER A 110 0.95 1.94 -11.21
C SER A 110 1.82 0.95 -11.94
N GLN A 111 2.09 -0.12 -11.23
CA GLN A 111 2.70 -1.30 -11.80
C GLN A 111 1.90 -1.82 -13.00
N GLN A 112 0.57 -1.78 -12.93
CA GLN A 112 -0.22 -2.17 -14.09
C GLN A 112 -0.07 -1.17 -15.27
N ALA A 113 0.14 0.13 -14.99
CA ALA A 113 0.30 1.04 -16.10
C ALA A 113 1.64 0.80 -16.80
N MET A 114 2.62 0.27 -16.08
CA MET A 114 3.92 0.02 -16.68
C MET A 114 3.80 -0.96 -17.82
N LYS A 115 2.86 -1.91 -17.71
CA LYS A 115 2.64 -2.83 -18.80
C LYS A 115 2.37 -2.08 -20.08
N GLY A 116 1.57 -1.00 -20.02
CA GLY A 116 1.27 -0.26 -21.21
C GLY A 116 2.41 0.65 -21.66
N TYR A 117 3.22 1.12 -20.74
CA TYR A 117 4.38 1.89 -21.11
C TYR A 117 5.47 1.04 -21.66
N HIS A 118 5.40 -0.27 -21.40
CA HIS A 118 6.59 -1.07 -21.56
C HIS A 118 7.13 -0.99 -22.99
N ALA A 119 6.24 -1.07 -23.98
CA ALA A 119 6.67 -1.06 -25.37
C ALA A 119 7.44 0.21 -25.71
N MET A 120 6.97 1.37 -25.28
CA MET A 120 7.70 2.61 -25.55
C MET A 120 9.02 2.65 -24.80
N MET A 121 9.05 2.11 -23.57
CA MET A 121 10.31 2.09 -22.85
C MET A 121 11.29 1.27 -23.60
N VAL A 122 10.82 0.13 -24.12
CA VAL A 122 11.68 -0.74 -24.93
C VAL A 122 12.17 0.00 -26.13
N ASP A 123 11.28 0.75 -26.78
CA ASP A 123 11.66 1.54 -27.95
C ASP A 123 12.89 2.36 -27.64
N ILE A 124 12.88 3.08 -26.52
CA ILE A 124 14.03 3.91 -26.24
C ILE A 124 15.20 3.03 -25.81
N ALA A 125 14.92 1.98 -25.05
CA ALA A 125 15.99 1.13 -24.56
C ALA A 125 16.70 0.49 -25.73
N VAL A 126 15.96 0.07 -26.72
CA VAL A 126 16.57 -0.46 -27.93
C VAL A 126 17.41 0.60 -28.61
N GLN A 127 16.93 1.83 -28.67
CA GLN A 127 17.77 2.87 -29.23
C GLN A 127 19.05 2.99 -28.44
N LEU A 128 18.98 2.90 -27.10
CA LEU A 128 20.22 2.95 -26.31
C LEU A 128 21.12 1.78 -26.70
N VAL A 129 20.58 0.58 -26.72
CA VAL A 129 21.41 -0.57 -27.04
C VAL A 129 22.02 -0.40 -28.42
N GLN A 130 21.23 0.02 -29.41
CA GLN A 130 21.76 0.18 -30.74
C GLN A 130 22.81 1.23 -30.79
N LYS A 131 22.63 2.33 -30.09
CA LYS A 131 23.69 3.30 -30.07
C LYS A 131 25.00 2.65 -29.60
N TRP A 132 24.92 1.85 -28.57
CA TRP A 132 26.14 1.25 -28.04
C TRP A 132 26.63 0.12 -28.92
N GLU A 133 25.73 -0.63 -29.51
CA GLU A 133 26.14 -1.62 -30.48
C GLU A 133 26.91 -0.98 -31.63
N ARG A 134 26.61 0.27 -31.94
CA ARG A 134 27.14 0.94 -33.10
C ARG A 134 28.37 1.73 -32.81
N LEU A 135 28.83 1.73 -31.58
CA LEU A 135 30.08 2.40 -31.28
C LEU A 135 31.20 1.66 -31.95
N ASN A 136 32.21 2.43 -32.28
CA ASN A 136 33.41 1.83 -32.86
C ASN A 136 34.25 1.31 -31.70
N ALA A 137 35.21 0.48 -32.06
CA ALA A 137 36.13 -0.11 -31.08
C ALA A 137 36.89 1.03 -30.40
N ASP A 138 36.95 0.97 -29.09
CA ASP A 138 37.70 2.00 -28.30
C ASP A 138 37.00 3.37 -28.29
N GLU A 139 35.69 3.33 -28.58
CA GLU A 139 34.75 4.48 -28.49
C GLU A 139 34.00 4.22 -27.18
N HIS A 140 34.02 5.16 -26.24
CA HIS A 140 33.46 4.85 -24.93
C HIS A 140 32.08 5.48 -24.82
N ILE A 141 31.43 5.13 -23.75
CA ILE A 141 30.10 5.61 -23.50
C ILE A 141 30.20 6.67 -22.42
N GLU A 142 29.54 7.77 -22.64
CA GLU A 142 29.36 8.79 -21.63
C GLU A 142 28.11 8.36 -20.88
N VAL A 143 28.28 7.72 -19.73
CA VAL A 143 27.14 6.99 -19.15
C VAL A 143 26.00 7.92 -18.74
N PRO A 144 26.21 8.91 -17.89
CA PRO A 144 25.05 9.75 -17.53
C PRO A 144 24.42 10.39 -18.73
N GLU A 145 25.23 10.86 -19.69
CA GLU A 145 24.71 11.47 -20.87
C GLU A 145 23.77 10.53 -21.58
N ASP A 146 24.20 9.30 -21.79
CA ASP A 146 23.32 8.37 -22.49
C ASP A 146 22.16 7.91 -21.64
N MET A 147 22.36 7.79 -20.33
CA MET A 147 21.23 7.44 -19.48
C MET A 147 20.18 8.51 -19.54
N THR A 148 20.61 9.76 -19.58
CA THR A 148 19.67 10.86 -19.64
C THR A 148 18.95 10.89 -20.96
N ARG A 149 19.67 10.59 -22.02
CA ARG A 149 19.01 10.44 -23.30
C ARG A 149 17.93 9.42 -23.18
N LEU A 150 18.28 8.29 -22.61
CA LEU A 150 17.31 7.24 -22.49
C LEU A 150 16.14 7.68 -21.62
N THR A 151 16.44 8.18 -20.42
CA THR A 151 15.33 8.43 -19.50
C THR A 151 14.46 9.58 -19.98
N LEU A 152 15.07 10.66 -20.39
CA LEU A 152 14.28 11.73 -20.99
C LEU A 152 13.44 11.24 -22.18
N ASP A 153 14.03 10.47 -23.08
CA ASP A 153 13.22 10.00 -24.19
C ASP A 153 12.10 9.15 -23.69
N THR A 154 12.38 8.34 -22.67
CA THR A 154 11.38 7.42 -22.18
C THR A 154 10.20 8.16 -21.59
N ILE A 155 10.46 9.21 -20.82
CA ILE A 155 9.36 9.94 -20.25
C ILE A 155 8.71 10.81 -21.31
N GLY A 156 9.47 11.34 -22.27
CA GLY A 156 8.82 12.04 -23.35
C GLY A 156 7.85 11.13 -24.09
N LEU A 157 8.29 9.95 -24.41
CA LEU A 157 7.47 9.05 -25.24
C LEU A 157 6.31 8.47 -24.46
N CYS A 158 6.60 7.83 -23.33
CA CYS A 158 5.50 7.26 -22.50
C CYS A 158 4.69 8.43 -21.91
N GLY A 159 5.39 9.48 -21.45
CA GLY A 159 4.79 10.67 -20.82
C GLY A 159 3.88 11.50 -21.71
N PHE A 160 4.26 11.75 -22.97
CA PHE A 160 3.42 12.63 -23.83
C PHE A 160 3.53 12.25 -25.32
N ASN A 161 3.92 11.01 -25.60
CA ASN A 161 4.05 10.48 -26.94
C ASN A 161 4.89 11.44 -27.76
N TYR A 162 5.91 11.98 -27.13
CA TYR A 162 6.78 12.91 -27.81
C TYR A 162 8.14 12.27 -27.88
N ARG A 163 8.76 12.37 -29.02
CA ARG A 163 10.10 11.81 -29.22
C ARG A 163 11.06 12.95 -29.09
N PHE A 164 11.75 13.02 -27.94
CA PHE A 164 12.86 13.95 -27.83
C PHE A 164 14.01 13.56 -28.76
N ASN A 165 14.04 12.29 -29.18
CA ASN A 165 15.05 11.81 -30.12
C ASN A 165 16.44 12.15 -29.62
N SER A 166 16.62 11.90 -28.33
CA SER A 166 17.85 12.33 -27.68
C SER A 166 19.05 11.60 -28.22
N PHE A 167 18.87 10.38 -28.74
CA PHE A 167 19.97 9.66 -29.38
C PHE A 167 20.30 10.16 -30.77
N TYR A 168 19.56 11.13 -31.30
CA TYR A 168 19.85 11.74 -32.57
C TYR A 168 20.52 13.08 -32.41
N ARG A 169 20.80 13.48 -31.19
CA ARG A 169 21.14 14.86 -30.84
C ARG A 169 22.39 14.86 -29.99
N ASP A 170 23.24 15.83 -30.24
CA ASP A 170 24.23 16.32 -29.29
C ASP A 170 23.59 17.44 -28.46
N GLN A 171 22.94 18.39 -29.15
CA GLN A 171 22.32 19.58 -28.56
C GLN A 171 20.98 19.23 -27.93
N PRO A 172 20.76 19.60 -26.66
CA PRO A 172 19.49 19.25 -26.03
C PRO A 172 18.34 20.01 -26.65
N HIS A 173 17.19 19.40 -26.47
CA HIS A 173 15.94 19.96 -26.91
C HIS A 173 15.73 21.32 -26.23
N PRO A 174 15.19 22.29 -26.93
CA PRO A 174 15.02 23.62 -26.30
C PRO A 174 14.28 23.57 -24.99
N PHE A 175 13.34 22.65 -24.86
CA PHE A 175 12.65 22.55 -23.59
C PHE A 175 13.64 22.23 -22.50
N ILE A 176 14.54 21.28 -22.80
CA ILE A 176 15.54 20.81 -21.85
C ILE A 176 16.55 21.87 -21.52
N THR A 177 16.96 22.64 -22.52
CA THR A 177 17.89 23.74 -22.25
C THR A 177 17.29 24.66 -21.23
N SER A 178 16.02 25.00 -21.43
CA SER A 178 15.39 25.89 -20.47
C SER A 178 15.19 25.20 -19.15
N MET A 179 14.75 23.95 -19.18
CA MET A 179 14.55 23.23 -17.92
C MET A 179 15.85 23.07 -17.14
N VAL A 180 16.91 22.62 -17.82
CA VAL A 180 18.19 22.44 -17.15
C VAL A 180 18.68 23.76 -16.58
N ARG A 181 18.56 24.82 -17.36
CA ARG A 181 19.03 26.11 -16.92
C ARG A 181 18.15 26.68 -15.81
N ALA A 182 16.85 26.39 -15.83
CA ALA A 182 15.99 26.76 -14.73
C ALA A 182 16.37 25.96 -13.48
N LEU A 183 16.62 24.67 -13.63
CA LEU A 183 17.12 23.89 -12.50
C LEU A 183 18.42 24.46 -11.96
N ASP A 184 19.39 24.72 -12.85
CA ASP A 184 20.66 25.25 -12.39
C ASP A 184 20.45 26.57 -11.68
N GLU A 185 19.52 27.39 -12.18
CA GLU A 185 19.20 28.65 -11.51
C GLU A 185 18.56 28.41 -10.15
N ALA A 186 17.61 27.47 -10.07
CA ALA A 186 16.99 27.17 -8.79
C ALA A 186 18.04 26.78 -7.78
N MET A 187 18.93 25.87 -8.17
CA MET A 187 20.00 25.44 -7.29
C MET A 187 20.92 26.59 -6.91
N ASN A 188 21.30 27.41 -7.89
CA ASN A 188 22.17 28.52 -7.58
C ASN A 188 21.53 29.48 -6.57
N LYS A 189 20.20 29.68 -6.66
CA LYS A 189 19.52 30.54 -5.69
C LYS A 189 19.72 30.02 -4.26
N LEU A 190 19.95 28.72 -4.09
CA LEU A 190 20.16 28.16 -2.75
C LEU A 190 21.49 28.58 -2.17
N GLN A 191 22.53 28.55 -3.00
CA GLN A 191 23.91 28.82 -2.66
C GLN A 191 24.15 30.30 -2.50
N ARG A 192 23.14 31.11 -2.78
CA ARG A 192 23.28 32.52 -3.03
C ARG A 192 23.15 33.35 -1.73
N PRO A 195 21.19 37.18 -1.85
CA PRO A 195 20.36 36.56 -2.90
C PRO A 195 19.69 37.60 -3.87
N ASP A 196 19.33 38.80 -3.38
CA ASP A 196 18.72 39.83 -4.21
C ASP A 196 19.72 40.83 -4.81
N ASP A 197 21.02 40.49 -4.83
CA ASP A 197 22.00 41.44 -5.30
C ASP A 197 21.86 41.63 -6.80
N PRO A 198 22.30 42.79 -7.33
CA PRO A 198 22.12 43.04 -8.77
C PRO A 198 22.84 42.04 -9.67
N ALA A 199 23.94 41.45 -9.18
CA ALA A 199 24.69 40.48 -9.98
C ALA A 199 23.80 39.39 -10.55
N TYR A 200 22.70 39.07 -9.86
CA TYR A 200 21.83 37.98 -10.27
C TYR A 200 20.65 38.40 -11.14
N ASP A 201 20.53 39.69 -11.48
CA ASP A 201 19.38 40.11 -12.27
C ASP A 201 19.35 39.45 -13.65
N GLU A 202 20.50 39.19 -14.29
CA GLU A 202 20.47 38.45 -15.54
C GLU A 202 19.96 37.03 -15.33
N ASN A 203 20.34 36.40 -14.22
CA ASN A 203 19.84 35.08 -13.87
C ASN A 203 18.32 35.05 -13.78
N LYS A 204 17.72 36.13 -13.26
CA LYS A 204 16.26 36.25 -13.19
C LYS A 204 15.63 36.32 -14.58
N ARG A 205 16.10 37.27 -15.41
CA ARG A 205 15.58 37.37 -16.78
C ARG A 205 15.71 36.03 -17.48
N GLN A 206 16.85 35.38 -17.30
CA GLN A 206 17.05 34.09 -17.92
C GLN A 206 16.06 33.09 -17.33
N PHE A 207 15.91 33.12 -16.02
CA PHE A 207 15.01 32.21 -15.34
C PHE A 207 13.60 32.35 -15.85
N GLN A 208 13.17 33.60 -16.09
CA GLN A 208 11.80 33.80 -16.57
C GLN A 208 11.65 33.44 -18.03
N GLU A 209 12.69 33.73 -18.83
CA GLU A 209 12.69 33.28 -20.22
C GLU A 209 12.57 31.78 -20.29
N ASP A 210 13.27 31.09 -19.38
CA ASP A 210 13.24 29.63 -19.36
C ASP A 210 11.90 29.14 -18.85
N ILE A 211 11.34 29.78 -17.83
CA ILE A 211 9.99 29.44 -17.41
C ILE A 211 9.04 29.65 -18.58
N LYS A 212 9.19 30.78 -19.28
CA LYS A 212 8.32 31.05 -20.43
C LYS A 212 8.48 29.98 -21.52
N VAL A 213 9.72 29.58 -21.80
CA VAL A 213 9.95 28.54 -22.81
C VAL A 213 9.26 27.24 -22.40
N MET A 214 9.49 26.80 -21.16
CA MET A 214 8.88 25.55 -20.73
C MET A 214 7.37 25.64 -20.80
N ASN A 215 6.81 26.74 -20.30
CA ASN A 215 5.37 26.91 -20.34
C ASN A 215 4.86 26.85 -21.77
N ASP A 216 5.42 27.70 -22.62
CA ASP A 216 5.01 27.76 -24.02
C ASP A 216 5.12 26.40 -24.70
N LEU A 217 6.28 25.77 -24.62
CA LEU A 217 6.46 24.51 -25.30
C LEU A 217 5.48 23.47 -24.76
N VAL A 218 5.32 23.40 -23.45
CA VAL A 218 4.42 22.40 -22.90
C VAL A 218 2.99 22.76 -23.17
N ASP A 219 2.64 24.03 -23.00
CA ASP A 219 1.26 24.41 -23.26
C ASP A 219 0.91 24.09 -24.67
N LYS A 220 1.87 24.21 -25.58
CA LYS A 220 1.59 23.89 -26.98
C LYS A 220 1.41 22.39 -27.14
N ILE A 221 2.18 21.58 -26.42
CA ILE A 221 1.99 20.14 -26.45
C ILE A 221 0.60 19.81 -25.95
N ILE A 222 0.18 20.46 -24.87
CA ILE A 222 -1.17 20.22 -24.40
C ILE A 222 -2.18 20.67 -25.44
N ALA A 223 -2.02 21.89 -25.97
CA ALA A 223 -2.93 22.41 -26.98
C ALA A 223 -3.00 21.49 -28.20
N ASP A 224 -1.83 21.10 -28.72
CA ASP A 224 -1.80 20.23 -29.89
C ASP A 224 -2.50 18.91 -29.59
N ARG A 225 -2.32 18.38 -28.37
CA ARG A 225 -3.02 17.14 -28.08
C ARG A 225 -4.52 17.37 -28.04
N LYS A 226 -4.95 18.42 -27.34
CA LYS A 226 -6.38 18.69 -27.28
C LYS A 226 -6.94 18.96 -28.69
N ALA A 227 -6.20 19.67 -29.54
CA ALA A 227 -6.62 19.92 -30.91
C ALA A 227 -6.73 18.62 -31.71
N SER A 228 -5.78 17.69 -31.52
CA SER A 228 -5.72 16.45 -32.30
C SER A 228 -6.94 15.55 -32.06
N GLY A 229 -7.38 15.45 -30.82
CA GLY A 229 -8.36 14.47 -30.39
C GLY A 229 -7.81 13.08 -30.22
N GLU A 230 -6.54 12.87 -30.61
CA GLU A 230 -5.94 11.55 -30.59
C GLU A 230 -5.67 11.06 -29.15
N GLN A 231 -5.96 9.80 -28.94
CA GLN A 231 -5.76 9.15 -27.66
C GLN A 231 -4.49 8.34 -27.76
N SER A 232 -3.60 8.53 -26.80
CA SER A 232 -2.41 7.72 -26.70
C SER A 232 -2.48 6.97 -25.38
N ASP A 233 -1.67 5.96 -25.21
CA ASP A 233 -1.69 5.35 -23.89
C ASP A 233 -0.71 6.13 -23.00
N ASP A 234 -0.96 7.44 -22.86
CA ASP A 234 0.06 8.24 -22.20
C ASP A 234 -0.50 9.20 -21.16
N LEU A 235 0.41 9.72 -20.36
CA LEU A 235 0.05 10.54 -19.23
C LEU A 235 -0.75 11.75 -19.66
N LEU A 236 -0.37 12.39 -20.76
CA LEU A 236 -1.12 13.56 -21.20
C LEU A 236 -2.58 13.19 -21.47
N THR A 237 -2.79 12.10 -22.20
CA THR A 237 -4.14 11.63 -22.45
C THR A 237 -4.88 11.41 -21.13
N HIS A 238 -4.26 10.70 -20.20
CA HIS A 238 -4.93 10.44 -18.92
C HIS A 238 -5.24 11.72 -18.19
N MET A 239 -4.39 12.72 -18.29
CA MET A 239 -4.63 13.97 -17.62
C MET A 239 -5.66 14.77 -18.34
N LEU A 240 -5.73 14.68 -19.67
CA LEU A 240 -6.76 15.40 -20.36
C LEU A 240 -8.11 14.79 -20.09
N ASN A 241 -8.16 13.48 -19.86
CA ASN A 241 -9.42 12.78 -19.74
C ASN A 241 -9.75 12.36 -18.34
N GLY A 242 -8.76 12.27 -17.48
CA GLY A 242 -8.99 11.73 -16.17
C GLY A 242 -9.77 12.72 -15.34
N LYS A 243 -10.60 12.18 -14.48
CA LYS A 243 -11.30 13.01 -13.51
C LYS A 243 -10.93 12.46 -12.15
N ASP A 244 -10.60 13.33 -11.27
CA ASP A 244 -10.38 12.94 -9.88
C ASP A 244 -11.62 12.26 -9.33
N PRO A 245 -11.53 11.01 -8.92
CA PRO A 245 -12.70 10.35 -8.32
C PRO A 245 -13.31 11.14 -7.16
N GLU A 246 -12.49 11.83 -6.38
CA GLU A 246 -12.98 12.56 -5.22
C GLU A 246 -13.77 13.79 -5.63
N THR A 247 -13.11 14.76 -6.25
CA THR A 247 -13.83 15.96 -6.63
C THR A 247 -14.61 15.80 -7.92
N GLY A 248 -14.38 14.72 -8.67
CA GLY A 248 -15.00 14.62 -9.95
C GLY A 248 -14.40 15.55 -10.99
N GLU A 249 -13.39 16.33 -10.63
CA GLU A 249 -12.84 17.33 -11.53
C GLU A 249 -11.61 16.80 -12.26
N PRO A 250 -11.43 17.26 -13.50
CA PRO A 250 -10.18 17.02 -14.21
C PRO A 250 -9.13 18.04 -13.79
N LEU A 251 -7.88 17.70 -14.07
CA LEU A 251 -6.83 18.69 -13.98
C LEU A 251 -7.09 19.78 -14.99
N ASP A 252 -6.77 21.02 -14.62
CA ASP A 252 -6.84 22.01 -15.63
C ASP A 252 -5.54 22.03 -16.42
N ASP A 253 -5.56 22.76 -17.53
CA ASP A 253 -4.45 22.73 -18.48
C ASP A 253 -3.18 23.28 -17.88
N GLU A 254 -3.30 24.29 -17.03
CA GLU A 254 -2.09 24.80 -16.39
C GLU A 254 -1.49 23.74 -15.49
N ASN A 255 -2.33 23.07 -14.68
CA ASN A 255 -1.75 22.05 -13.84
C ASN A 255 -1.20 20.91 -14.67
N ILE A 256 -1.86 20.55 -15.78
CA ILE A 256 -1.31 19.51 -16.62
C ILE A 256 0.06 19.91 -17.08
N ARG A 257 0.21 21.17 -17.46
CA ARG A 257 1.52 21.65 -17.85
C ARG A 257 2.52 21.45 -16.73
N TYR A 258 2.14 21.84 -15.50
CA TYR A 258 3.06 21.64 -14.39
C TYR A 258 3.35 20.16 -14.21
N GLN A 259 2.35 19.29 -14.36
CA GLN A 259 2.67 17.87 -14.27
C GLN A 259 3.66 17.45 -15.35
N ILE A 260 3.43 17.89 -16.57
CA ILE A 260 4.33 17.46 -17.64
C ILE A 260 5.75 17.90 -17.34
N ILE A 261 5.91 19.18 -17.04
CA ILE A 261 7.25 19.67 -16.74
C ILE A 261 7.85 18.86 -15.60
N THR A 262 7.04 18.57 -14.59
CA THR A 262 7.53 17.84 -13.45
C THR A 262 8.01 16.47 -13.87
N PHE A 263 7.19 15.79 -14.68
CA PHE A 263 7.52 14.44 -15.15
C PHE A 263 8.80 14.46 -15.97
N LEU A 264 8.95 15.48 -16.76
CA LEU A 264 10.16 15.67 -17.60
C LEU A 264 11.35 15.91 -16.71
N LEU A 265 11.21 16.76 -15.73
CA LEU A 265 12.29 16.99 -14.78
C LEU A 265 12.60 15.67 -14.06
N ALA A 266 11.59 14.98 -13.58
CA ALA A 266 11.81 13.72 -12.86
C ALA A 266 12.45 12.70 -13.80
N GLY A 267 11.93 12.62 -14.99
CA GLY A 267 12.39 11.62 -15.95
C GLY A 267 13.72 11.96 -16.56
N HIS A 268 14.17 13.18 -16.37
CA HIS A 268 15.45 13.66 -16.88
C HIS A 268 16.42 13.86 -15.70
N GLU A 269 17.54 13.21 -15.72
CA GLU A 269 18.57 13.30 -14.66
C GLU A 269 18.24 12.55 -13.37
N VAL A 270 17.08 12.71 -12.77
CA VAL A 270 16.81 11.93 -11.55
C VAL A 270 16.86 10.45 -11.88
N THR A 271 16.14 10.07 -12.91
CA THR A 271 16.13 8.65 -13.20
C THR A 271 17.40 8.23 -13.89
N SER A 272 17.91 9.05 -14.80
CA SER A 272 19.16 8.66 -15.41
C SER A 272 20.27 8.56 -14.39
N GLY A 273 20.19 9.34 -13.32
CA GLY A 273 21.19 9.22 -12.25
C GLY A 273 21.21 7.82 -11.67
N LEU A 274 20.03 7.27 -11.44
CA LEU A 274 19.91 5.89 -10.95
C LEU A 274 20.64 4.95 -11.88
N LEU A 275 20.32 5.01 -13.17
CA LEU A 275 20.97 4.13 -14.12
C LEU A 275 22.47 4.34 -14.10
N SER A 276 22.89 5.60 -14.06
CA SER A 276 24.32 5.90 -14.12
C SER A 276 25.01 5.36 -12.86
N PHE A 277 24.41 5.60 -11.70
CA PHE A 277 24.99 5.08 -10.47
C PHE A 277 24.98 3.57 -10.46
N ALA A 278 23.90 2.98 -10.96
CA ALA A 278 23.86 1.54 -10.98
C ALA A 278 24.98 0.98 -11.85
N LEU A 279 25.15 1.52 -13.04
CA LEU A 279 26.19 1.04 -13.92
C LEU A 279 27.56 1.35 -13.34
N TYR A 280 27.70 2.51 -12.73
CA TYR A 280 28.92 2.79 -11.99
C TYR A 280 29.20 1.68 -10.99
N PHE A 281 28.23 1.41 -10.11
CA PHE A 281 28.50 0.41 -9.08
C PHE A 281 28.73 -0.94 -9.69
N LEU A 282 27.99 -1.26 -10.75
CA LEU A 282 28.20 -2.56 -11.37
C LEU A 282 29.63 -2.69 -11.89
N VAL A 283 30.16 -1.67 -12.56
CA VAL A 283 31.49 -1.88 -13.11
C VAL A 283 32.51 -1.81 -12.01
N LYS A 284 32.16 -1.19 -10.87
CA LYS A 284 33.07 -1.16 -9.75
C LYS A 284 33.00 -2.42 -8.92
N ASN A 285 32.03 -3.29 -9.19
CA ASN A 285 31.77 -4.47 -8.36
C ASN A 285 31.54 -5.62 -9.30
N PRO A 286 32.60 -6.10 -9.93
CA PRO A 286 32.44 -7.03 -11.04
C PRO A 286 31.72 -8.30 -10.68
N HIS A 287 31.82 -8.80 -9.45
CA HIS A 287 31.02 -9.98 -9.12
C HIS A 287 29.53 -9.62 -9.16
N VAL A 288 29.18 -8.44 -8.67
CA VAL A 288 27.80 -8.00 -8.76
C VAL A 288 27.41 -7.86 -10.20
N LEU A 289 28.28 -7.22 -10.99
CA LEU A 289 27.96 -7.07 -12.40
C LEU A 289 27.71 -8.43 -13.01
N GLN A 290 28.58 -9.39 -12.74
CA GLN A 290 28.44 -10.73 -13.32
C GLN A 290 27.11 -11.35 -12.90
N LYS A 291 26.77 -11.26 -11.64
CA LYS A 291 25.49 -11.82 -11.15
C LYS A 291 24.33 -11.12 -11.85
N ALA A 292 24.39 -9.81 -11.96
CA ALA A 292 23.33 -9.08 -12.67
C ALA A 292 23.34 -9.51 -14.13
N ALA A 293 24.51 -9.63 -14.72
CA ALA A 293 24.64 -10.03 -16.13
C ALA A 293 24.10 -11.45 -16.30
N GLU A 294 24.39 -12.34 -15.36
CA GLU A 294 23.88 -13.72 -15.42
C GLU A 294 22.35 -13.68 -15.37
N GLU A 295 21.81 -12.85 -14.50
CA GLU A 295 20.34 -12.75 -14.42
C GLU A 295 19.78 -12.19 -15.71
N ALA A 296 20.39 -11.18 -16.29
CA ALA A 296 19.85 -10.63 -17.54
C ALA A 296 19.90 -11.72 -18.63
N ALA A 297 21.00 -12.45 -18.71
CA ALA A 297 21.08 -13.47 -19.78
C ALA A 297 20.05 -14.55 -19.52
N ARG A 298 19.88 -14.95 -18.28
CA ARG A 298 18.92 -16.03 -18.01
C ARG A 298 17.47 -15.58 -18.24
N VAL A 299 17.14 -14.33 -17.95
CA VAL A 299 15.76 -13.87 -18.02
C VAL A 299 15.44 -13.26 -19.37
N LEU A 300 16.33 -12.45 -19.93
CA LEU A 300 16.01 -11.71 -21.14
C LEU A 300 16.26 -12.61 -22.35
N VAL A 301 15.43 -13.63 -22.46
CA VAL A 301 15.64 -14.68 -23.47
C VAL A 301 15.10 -14.23 -24.81
N ASP A 302 14.39 -13.11 -24.87
CA ASP A 302 13.87 -12.69 -26.16
C ASP A 302 14.63 -11.50 -26.68
N PRO A 303 14.59 -11.25 -27.99
CA PRO A 303 15.34 -10.10 -28.53
C PRO A 303 14.93 -8.80 -27.86
N VAL A 304 13.68 -8.72 -27.43
CA VAL A 304 13.05 -7.55 -26.82
C VAL A 304 12.50 -7.98 -25.47
N PRO A 305 12.86 -7.34 -24.35
CA PRO A 305 12.31 -7.76 -23.06
C PRO A 305 10.81 -7.54 -22.99
N SER A 306 10.12 -8.53 -22.44
CA SER A 306 8.73 -8.25 -22.15
C SER A 306 8.63 -7.62 -20.75
N TYR A 307 7.47 -7.02 -20.51
CA TYR A 307 7.16 -6.54 -19.17
C TYR A 307 7.40 -7.63 -18.14
N LYS A 308 6.93 -8.82 -18.41
CA LYS A 308 7.07 -9.91 -17.43
C LYS A 308 8.54 -10.21 -17.16
N GLN A 309 9.35 -10.21 -18.20
CA GLN A 309 10.77 -10.48 -18.00
C GLN A 309 11.43 -9.40 -17.15
N VAL A 310 11.10 -8.15 -17.41
CA VAL A 310 11.65 -7.10 -16.56
C VAL A 310 11.26 -7.33 -15.12
N LYS A 311 10.01 -7.74 -14.89
CA LYS A 311 9.65 -8.06 -13.52
C LYS A 311 10.50 -9.20 -12.97
N GLN A 312 10.99 -10.10 -13.82
CA GLN A 312 11.84 -11.18 -13.33
C GLN A 312 13.26 -10.75 -13.13
N LEU A 313 13.61 -9.51 -13.48
CA LEU A 313 14.98 -9.04 -13.25
C LEU A 313 15.11 -8.62 -11.79
N LYS A 314 14.95 -9.63 -10.92
CA LYS A 314 14.97 -9.43 -9.48
C LYS A 314 16.30 -8.87 -9.01
N TYR A 315 17.40 -9.49 -9.41
CA TYR A 315 18.67 -9.01 -8.97
C TYR A 315 18.95 -7.62 -9.53
N VAL A 316 18.59 -7.40 -10.79
CA VAL A 316 18.78 -6.08 -11.36
C VAL A 316 18.02 -5.06 -10.55
N GLY A 317 16.81 -5.43 -10.10
CA GLY A 317 16.03 -4.57 -9.23
C GLY A 317 16.78 -4.32 -7.95
N MET A 318 17.44 -5.34 -7.44
CA MET A 318 18.19 -5.14 -6.22
C MET A 318 19.39 -4.23 -6.47
N VAL A 319 20.06 -4.44 -7.60
CA VAL A 319 21.14 -3.55 -8.02
C VAL A 319 20.66 -2.13 -8.00
N LEU A 320 19.48 -1.89 -8.54
CA LEU A 320 18.96 -0.53 -8.60
C LEU A 320 18.67 -0.02 -7.22
N ASN A 321 18.09 -0.87 -6.39
CA ASN A 321 17.80 -0.46 -5.03
C ASN A 321 19.06 -0.14 -4.31
N GLU A 322 20.11 -0.95 -4.54
CA GLU A 322 21.35 -0.70 -3.86
C GLU A 322 22.02 0.55 -4.39
N ALA A 323 21.80 0.85 -5.66
CA ALA A 323 22.34 2.09 -6.16
C ALA A 323 21.57 3.24 -5.56
N LEU A 324 20.25 3.09 -5.47
CA LEU A 324 19.42 4.05 -4.77
C LEU A 324 19.82 4.16 -3.30
N ARG A 325 20.27 3.07 -2.70
CA ARG A 325 20.72 3.18 -1.31
C ARG A 325 21.91 4.09 -1.21
N LEU A 326 22.95 3.79 -1.95
CA LEU A 326 24.17 4.60 -1.87
C LEU A 326 23.95 6.01 -2.39
N TRP A 327 23.37 6.18 -3.57
CA TRP A 327 23.29 7.49 -4.19
C TRP A 327 21.89 7.74 -4.67
N PRO A 328 20.96 7.86 -3.75
CA PRO A 328 19.60 8.25 -4.12
C PRO A 328 19.64 9.54 -4.90
N THR A 329 19.10 9.49 -6.11
CA THR A 329 19.35 10.62 -6.98
C THR A 329 18.45 11.78 -6.70
N ALA A 330 17.43 11.61 -5.88
CA ALA A 330 16.70 12.71 -5.33
C ALA A 330 17.09 12.72 -3.87
N PRO A 331 18.21 13.31 -3.49
CA PRO A 331 18.87 12.91 -2.22
C PRO A 331 18.26 13.47 -0.95
N ALA A 332 17.22 14.28 -1.04
CA ALA A 332 16.66 14.79 0.18
C ALA A 332 15.19 15.11 -0.04
N PHE A 333 14.43 14.99 1.05
CA PHE A 333 13.11 15.57 1.01
C PHE A 333 12.87 16.21 2.36
N SER A 334 11.90 17.07 2.38
CA SER A 334 11.69 17.97 3.46
C SER A 334 10.33 17.67 4.03
N LEU A 335 10.24 17.74 5.35
CA LEU A 335 9.03 17.51 6.09
C LEU A 335 8.80 18.68 7.01
N TYR A 336 7.56 18.91 7.40
CA TYR A 336 7.30 19.88 8.43
C TYR A 336 6.43 19.19 9.45
N ALA A 337 6.60 19.61 10.68
CA ALA A 337 5.81 19.04 11.77
C ALA A 337 4.39 19.59 11.68
N LYS A 338 3.42 18.70 11.52
CA LYS A 338 2.02 19.12 11.45
C LYS A 338 1.57 19.73 12.78
N GLU A 339 2.14 19.23 13.87
CA GLU A 339 1.84 19.74 15.19
C GLU A 339 3.10 19.71 16.01
N ASP A 340 3.08 20.43 17.14
CA ASP A 340 4.13 20.29 18.13
C ASP A 340 4.40 18.83 18.36
N THR A 341 5.66 18.46 18.38
CA THR A 341 5.92 17.04 18.55
C THR A 341 7.34 16.92 19.04
N VAL A 342 7.65 15.73 19.51
CA VAL A 342 8.99 15.46 19.99
C VAL A 342 9.55 14.39 19.08
N LEU A 343 10.72 14.67 18.56
CA LEU A 343 11.39 13.79 17.65
C LEU A 343 12.40 12.97 18.44
N GLY A 344 12.33 11.65 18.29
CA GLY A 344 13.31 10.79 18.90
C GLY A 344 13.31 10.90 20.40
N GLY A 345 12.19 11.32 20.97
CA GLY A 345 12.16 11.46 22.39
C GLY A 345 13.06 12.52 22.97
N GLU A 346 13.76 13.29 22.15
CA GLU A 346 14.65 14.28 22.76
C GLU A 346 14.77 15.56 21.95
N TYR A 347 14.12 15.69 20.81
CA TYR A 347 14.21 16.90 20.01
C TYR A 347 12.81 17.44 19.89
N PRO A 348 12.41 18.37 20.75
CA PRO A 348 11.08 18.96 20.61
C PRO A 348 11.02 19.80 19.35
N LEU A 349 9.96 19.62 18.60
CA LEU A 349 9.72 20.35 17.36
C LEU A 349 8.39 21.12 17.52
N GLU A 350 8.40 22.37 17.12
CA GLU A 350 7.14 23.09 17.12
C GLU A 350 6.42 22.85 15.80
N LYS A 351 5.11 23.00 15.84
CA LYS A 351 4.31 22.95 14.64
C LYS A 351 4.98 23.77 13.55
N GLY A 352 5.12 23.17 12.36
CA GLY A 352 5.70 23.89 11.26
C GLY A 352 7.20 23.83 11.19
N ASP A 353 7.87 23.27 12.21
CA ASP A 353 9.31 23.05 12.13
C ASP A 353 9.65 22.09 11.01
N GLU A 354 10.74 22.41 10.35
CA GLU A 354 11.14 21.70 9.14
C GLU A 354 12.20 20.64 9.42
N LEU A 355 12.10 19.54 8.70
CA LEU A 355 13.09 18.48 8.71
C LEU A 355 13.56 18.30 7.28
N MET A 356 14.83 17.97 7.10
CA MET A 356 15.32 17.49 5.82
C MET A 356 15.76 16.06 6.09
N VAL A 357 15.29 15.16 5.27
CA VAL A 357 15.73 13.79 5.33
C VAL A 357 16.88 13.72 4.37
N LEU A 358 18.07 13.54 4.91
CA LEU A 358 19.30 13.42 4.09
C LEU A 358 19.35 11.96 3.69
N ILE A 359 18.73 11.65 2.58
CA ILE A 359 18.55 10.24 2.25
C ILE A 359 19.87 9.50 2.12
N PRO A 360 20.89 10.01 1.43
CA PRO A 360 22.13 9.22 1.31
C PRO A 360 22.72 8.91 2.68
N GLN A 361 22.56 9.81 3.67
CA GLN A 361 23.09 9.53 5.01
C GLN A 361 22.23 8.51 5.72
N LEU A 362 20.91 8.67 5.63
CA LEU A 362 19.98 7.65 6.07
C LEU A 362 20.40 6.28 5.56
N HIS A 363 20.69 6.23 4.30
CA HIS A 363 21.03 4.97 3.64
C HIS A 363 22.37 4.44 4.09
N ARG A 364 23.10 5.21 4.86
CA ARG A 364 24.40 4.78 5.38
C ARG A 364 24.28 4.52 6.88
N ASP A 365 23.07 4.41 7.38
CA ASP A 365 22.87 4.21 8.82
C ASP A 365 23.35 2.79 9.14
N LYS A 366 24.50 2.72 9.79
CA LYS A 366 25.12 1.41 10.07
C LYS A 366 24.26 0.59 10.99
N THR A 367 23.51 1.26 11.86
CA THR A 367 22.63 0.51 12.75
C THR A 367 21.59 -0.24 11.96
N ILE A 368 21.33 0.15 10.72
CA ILE A 368 20.40 -0.52 9.85
C ILE A 368 21.12 -1.49 8.93
N TRP A 369 22.14 -0.97 8.26
CA TRP A 369 22.75 -1.70 7.17
C TRP A 369 23.96 -2.49 7.60
N GLY A 370 24.45 -2.31 8.84
CA GLY A 370 25.68 -3.00 9.23
C GLY A 370 26.89 -2.16 8.89
N ASP A 371 28.05 -2.71 9.20
CA ASP A 371 29.26 -1.91 9.13
C ASP A 371 29.64 -1.57 7.71
N ASP A 372 29.40 -2.49 6.78
CA ASP A 372 29.81 -2.33 5.38
C ASP A 372 28.80 -1.47 4.61
N VAL A 373 28.34 -0.35 5.18
CA VAL A 373 27.30 0.45 4.52
C VAL A 373 27.82 0.98 3.22
N GLU A 374 29.12 1.14 3.07
CA GLU A 374 29.59 1.71 1.83
C GLU A 374 29.71 0.67 0.77
N GLU A 375 29.59 -0.59 1.08
CA GLU A 375 29.76 -1.56 0.01
C GLU A 375 28.50 -1.72 -0.80
N PHE A 376 28.69 -2.04 -2.06
CA PHE A 376 27.55 -2.21 -2.95
C PHE A 376 27.17 -3.69 -2.92
N ARG A 377 26.05 -4.00 -2.28
CA ARG A 377 25.63 -5.38 -2.07
C ARG A 377 24.16 -5.41 -2.33
N PRO A 378 23.78 -5.64 -3.57
CA PRO A 378 22.37 -5.61 -3.89
C PRO A 378 21.63 -6.61 -3.06
N GLU A 379 22.34 -7.64 -2.58
CA GLU A 379 21.73 -8.68 -1.76
C GLU A 379 21.07 -8.12 -0.51
N ARG A 380 21.46 -6.94 -0.06
CA ARG A 380 20.79 -6.29 1.06
C ARG A 380 19.30 -6.15 0.76
N PHE A 381 18.92 -6.15 -0.50
CA PHE A 381 17.52 -5.92 -0.89
C PHE A 381 16.79 -7.21 -1.22
N GLU A 382 17.41 -8.32 -0.92
CA GLU A 382 16.79 -9.62 -1.20
C GLU A 382 15.41 -9.71 -0.55
N ASN A 383 15.26 -9.22 0.68
CA ASN A 383 13.96 -9.29 1.36
C ASN A 383 13.55 -7.92 1.90
N PRO A 384 12.49 -7.31 1.38
CA PRO A 384 12.04 -6.02 1.87
C PRO A 384 11.64 -6.05 3.34
N SER A 385 11.04 -7.16 3.75
CA SER A 385 10.61 -7.34 5.14
C SER A 385 11.82 -7.29 6.07
N ALA A 386 13.00 -7.63 5.59
CA ALA A 386 14.17 -7.58 6.45
C ALA A 386 14.69 -6.17 6.60
N ILE A 387 14.12 -5.22 5.89
CA ILE A 387 14.65 -3.86 5.94
C ILE A 387 13.81 -3.09 6.93
N PRO A 388 14.41 -2.49 7.94
CA PRO A 388 13.59 -1.81 8.90
C PRO A 388 12.78 -0.74 8.21
N GLN A 389 11.68 -0.42 8.84
CA GLN A 389 10.77 0.61 8.36
C GLN A 389 11.48 1.94 8.18
N HIS A 390 11.27 2.55 7.03
CA HIS A 390 11.80 3.87 6.68
C HIS A 390 13.30 3.90 6.66
N ALA A 391 13.92 2.76 6.57
CA ALA A 391 15.37 2.75 6.42
C ALA A 391 15.79 3.15 5.00
N PHE A 392 14.90 3.00 4.04
CA PHE A 392 15.25 3.04 2.63
C PHE A 392 14.25 3.97 2.00
N LYS A 393 14.62 5.20 1.75
CA LYS A 393 13.59 6.13 1.31
C LYS A 393 13.99 6.81 0.01
N PRO A 394 14.54 6.09 -0.97
CA PRO A 394 14.99 6.79 -2.18
C PRO A 394 13.84 7.47 -2.88
N PHE A 395 12.61 7.04 -2.62
CA PHE A 395 11.46 7.61 -3.31
C PHE A 395 10.60 8.43 -2.40
N GLY A 396 11.17 8.88 -1.27
CA GLY A 396 10.38 9.72 -0.43
C GLY A 396 9.45 8.84 0.38
N ASN A 397 8.36 9.44 0.81
CA ASN A 397 7.63 8.84 1.89
C ASN A 397 6.14 9.05 1.71
N GLY A 398 5.38 7.97 1.99
CA GLY A 398 3.95 8.01 2.23
C GLY A 398 3.24 8.52 1.01
N GLN A 399 2.19 9.27 1.23
CA GLN A 399 1.39 9.68 0.09
C GLN A 399 2.14 10.63 -0.81
N ARG A 400 3.19 11.28 -0.30
CA ARG A 400 4.03 12.15 -1.09
C ARG A 400 5.24 11.42 -1.61
N ALA A 401 5.19 10.11 -1.62
CA ALA A 401 6.28 9.39 -2.20
C ALA A 401 6.27 9.57 -3.73
N CYS A 402 7.36 9.17 -4.33
CA CYS A 402 7.53 9.28 -5.75
C CYS A 402 6.41 8.58 -6.48
N ILE A 403 5.59 9.34 -7.17
CA ILE A 403 4.61 8.68 -7.99
C ILE A 403 5.27 7.96 -9.16
N GLY A 404 6.46 8.43 -9.59
CA GLY A 404 7.07 7.79 -10.74
C GLY A 404 7.93 6.59 -10.38
N GLN A 405 7.84 6.13 -9.13
CA GLN A 405 8.74 5.09 -8.65
C GLN A 405 8.72 3.87 -9.56
N GLN A 406 7.53 3.32 -9.78
CA GLN A 406 7.43 2.12 -10.61
C GLN A 406 7.86 2.42 -12.03
N PHE A 407 7.59 3.61 -12.50
CA PHE A 407 8.04 3.98 -13.83
C PHE A 407 9.55 3.96 -13.90
N ALA A 408 10.18 4.67 -13.00
CA ALA A 408 11.63 4.78 -13.00
C ALA A 408 12.24 3.40 -12.89
N LEU A 409 11.72 2.58 -11.99
CA LEU A 409 12.31 1.29 -11.72
C LEU A 409 12.08 0.37 -12.86
N HIS A 410 10.92 0.50 -13.49
CA HIS A 410 10.69 -0.38 -14.57
C HIS A 410 11.59 -0.01 -15.74
N GLU A 411 11.62 1.28 -16.06
CA GLU A 411 12.54 1.82 -17.07
C GLU A 411 13.95 1.37 -16.80
N ALA A 412 14.38 1.56 -15.53
CA ALA A 412 15.76 1.33 -15.21
C ALA A 412 16.09 -0.13 -15.23
N THR A 413 15.16 -0.95 -14.77
CA THR A 413 15.38 -2.38 -14.79
C THR A 413 15.45 -2.89 -16.20
N LEU A 414 14.50 -2.44 -17.01
CA LEU A 414 14.47 -2.83 -18.40
C LEU A 414 15.78 -2.52 -19.07
N VAL A 415 16.22 -1.27 -18.90
CA VAL A 415 17.37 -0.78 -19.64
C VAL A 415 18.64 -1.44 -19.14
N LEU A 416 18.73 -1.53 -17.80
CA LEU A 416 19.89 -2.13 -17.20
C LEU A 416 19.95 -3.61 -17.55
N GLY A 417 18.81 -4.30 -17.48
CA GLY A 417 18.81 -5.68 -17.94
C GLY A 417 19.33 -5.79 -19.36
N MET A 418 18.82 -4.94 -20.24
CA MET A 418 19.26 -5.04 -21.63
C MET A 418 20.73 -4.70 -21.75
N MET A 419 21.17 -3.69 -21.01
CA MET A 419 22.59 -3.36 -21.04
C MET A 419 23.40 -4.55 -20.62
N LEU A 420 22.93 -5.21 -19.55
CA LEU A 420 23.67 -6.31 -19.00
C LEU A 420 23.62 -7.50 -19.90
N LYS A 421 22.50 -7.65 -20.61
CA LYS A 421 22.39 -8.72 -21.59
C LYS A 421 23.35 -8.49 -22.74
N HIS A 422 23.38 -7.26 -23.24
CA HIS A 422 23.94 -7.04 -24.55
C HIS A 422 25.41 -6.71 -24.56
N PHE A 423 25.95 -6.28 -23.45
CA PHE A 423 27.30 -5.78 -23.39
C PHE A 423 28.04 -6.25 -22.16
N ASP A 424 29.32 -6.51 -22.35
CA ASP A 424 30.28 -6.48 -21.26
C ASP A 424 30.77 -5.06 -21.08
N PHE A 425 31.02 -4.67 -19.85
CA PHE A 425 31.38 -3.30 -19.57
C PHE A 425 32.76 -3.23 -18.97
N GLU A 426 33.51 -2.27 -19.42
CA GLU A 426 34.82 -2.03 -18.94
C GLU A 426 34.84 -0.61 -18.38
N ASP A 427 35.27 -0.51 -17.13
CA ASP A 427 35.59 0.74 -16.46
C ASP A 427 37.01 1.12 -16.90
N HIS A 428 37.12 1.41 -18.16
CA HIS A 428 38.41 1.49 -18.80
C HIS A 428 39.22 2.68 -18.32
N THR A 429 38.61 3.70 -17.74
CA THR A 429 39.38 4.79 -17.19
C THR A 429 39.65 4.62 -15.70
N ASN A 430 39.22 3.51 -15.10
CA ASN A 430 39.18 3.37 -13.64
C ASN A 430 38.54 4.61 -13.03
N TYR A 431 37.32 4.83 -13.48
CA TYR A 431 36.64 6.08 -13.23
C TYR A 431 36.59 6.36 -11.74
N GLU A 432 36.96 7.57 -11.38
CA GLU A 432 36.90 8.02 -10.00
C GLU A 432 35.58 8.71 -9.77
N LEU A 433 34.76 8.14 -8.93
CA LEU A 433 33.42 8.66 -8.71
C LEU A 433 33.49 10.12 -8.35
N ASP A 434 32.78 10.91 -9.13
CA ASP A 434 32.73 12.35 -8.97
C ASP A 434 31.26 12.69 -9.14
N ILE A 435 30.62 13.00 -8.04
CA ILE A 435 29.18 13.12 -8.06
C ILE A 435 28.86 14.58 -8.26
N LYS A 436 28.31 14.88 -9.43
CA LYS A 436 27.83 16.22 -9.70
C LYS A 436 26.46 16.42 -9.12
N GLU A 437 26.27 17.56 -8.52
CA GLU A 437 25.02 17.85 -7.86
C GLU A 437 24.34 18.95 -8.62
N THR A 438 23.15 18.67 -9.04
CA THR A 438 22.28 19.75 -9.44
C THR A 438 21.32 19.79 -8.27
N LEU A 439 20.06 19.63 -8.56
CA LEU A 439 19.25 19.18 -7.46
C LEU A 439 19.30 17.66 -7.34
N THR A 440 19.90 16.99 -8.30
CA THR A 440 20.04 15.55 -8.23
C THR A 440 21.50 15.23 -8.38
N LEU A 441 21.81 13.95 -8.34
CA LEU A 441 23.17 13.48 -8.25
C LEU A 441 23.46 12.65 -9.47
N LYS A 442 24.65 12.79 -10.03
CA LYS A 442 25.01 11.95 -11.16
C LYS A 442 26.49 11.70 -11.08
N PRO A 443 26.94 10.58 -11.53
CA PRO A 443 28.40 10.36 -11.60
C PRO A 443 29.02 11.07 -12.78
N GLU A 444 29.47 12.32 -12.58
CA GLU A 444 29.91 13.12 -13.71
C GLU A 444 31.14 12.49 -14.34
N GLY A 445 31.22 12.56 -15.68
CA GLY A 445 32.37 12.00 -16.37
C GLY A 445 32.45 10.50 -16.31
N PHE A 446 31.42 9.84 -15.80
CA PHE A 446 31.49 8.40 -15.73
C PHE A 446 31.46 7.85 -17.14
N VAL A 447 32.49 7.11 -17.53
CA VAL A 447 32.56 6.57 -18.87
C VAL A 447 32.90 5.12 -18.73
N VAL A 448 32.40 4.33 -19.68
CA VAL A 448 32.71 2.91 -19.73
C VAL A 448 32.91 2.58 -21.20
N LYS A 449 33.52 1.45 -21.43
CA LYS A 449 33.48 0.85 -22.75
C LYS A 449 32.52 -0.31 -22.64
N ALA A 450 31.75 -0.52 -23.70
CA ALA A 450 30.87 -1.67 -23.76
C ALA A 450 31.32 -2.51 -24.94
N LYS A 451 31.72 -3.73 -24.67
CA LYS A 451 31.99 -4.68 -25.74
C LYS A 451 30.71 -5.46 -25.95
N SER A 452 30.18 -5.39 -27.15
CA SER A 452 28.94 -6.10 -27.41
C SER A 452 29.17 -7.58 -27.20
N LYS A 453 28.22 -8.23 -26.56
CA LYS A 453 28.13 -9.68 -26.59
C LYS A 453 27.50 -10.18 -27.88
N LYS A 454 27.18 -9.28 -28.81
CA LYS A 454 26.73 -9.62 -30.17
C LYS A 454 25.46 -10.41 -30.18
N ILE A 455 24.57 -10.11 -29.24
CA ILE A 455 23.27 -10.74 -29.16
C ILE A 455 22.28 -9.84 -29.91
N PRO A 456 21.61 -10.32 -30.95
CA PRO A 456 20.81 -9.41 -31.78
C PRO A 456 19.56 -9.03 -31.03
N LEU A 457 18.91 -7.98 -31.54
CA LEU A 457 17.66 -7.45 -31.00
C LEU A 457 16.44 -7.86 -31.84
N LYS B 5 -15.79 -16.22 -23.69
CA LYS B 5 -17.23 -16.42 -23.96
C LYS B 5 -17.71 -17.69 -23.19
N GLU B 6 -17.17 -18.87 -23.50
CA GLU B 6 -17.57 -20.11 -22.83
C GLU B 6 -16.99 -20.17 -21.41
N MET B 7 -17.85 -20.47 -20.43
CA MET B 7 -17.27 -20.22 -19.11
C MET B 7 -16.81 -21.52 -18.47
N PRO B 8 -15.58 -21.59 -17.93
CA PRO B 8 -15.12 -22.84 -17.31
C PRO B 8 -16.06 -23.24 -16.15
N GLN B 9 -16.04 -24.53 -15.84
CA GLN B 9 -16.88 -25.01 -14.83
C GLN B 9 -16.21 -26.24 -14.27
N PRO B 10 -16.15 -26.38 -12.94
CA PRO B 10 -15.46 -27.53 -12.35
C PRO B 10 -16.27 -28.79 -12.53
N LYS B 11 -15.73 -29.90 -12.03
CA LYS B 11 -16.34 -31.19 -12.26
C LYS B 11 -17.73 -31.23 -11.64
N THR B 12 -18.57 -32.02 -12.26
CA THR B 12 -19.95 -32.13 -11.86
C THR B 12 -20.21 -33.54 -11.38
N PHE B 13 -21.33 -33.65 -10.70
CA PHE B 13 -21.74 -34.86 -10.05
C PHE B 13 -23.13 -35.16 -10.56
N GLY B 14 -23.29 -35.32 -11.87
CA GLY B 14 -24.63 -35.62 -12.38
C GLY B 14 -25.61 -34.51 -12.04
N GLU B 15 -26.77 -34.91 -11.51
CA GLU B 15 -27.84 -33.97 -11.20
C GLU B 15 -27.42 -32.98 -10.13
N LEU B 16 -26.49 -33.38 -9.26
CA LEU B 16 -25.99 -32.48 -8.23
C LEU B 16 -25.08 -31.42 -8.80
N LYS B 17 -24.77 -31.49 -10.09
CA LYS B 17 -23.89 -30.50 -10.73
C LYS B 17 -22.64 -30.28 -9.92
N ASN B 18 -22.33 -29.04 -9.57
CA ASN B 18 -21.13 -28.81 -8.79
C ASN B 18 -21.35 -28.89 -7.29
N LEU B 19 -22.58 -29.04 -6.84
CA LEU B 19 -22.84 -28.93 -5.41
C LEU B 19 -21.92 -29.81 -4.53
N PRO B 20 -21.65 -31.08 -4.85
CA PRO B 20 -20.76 -31.85 -3.96
C PRO B 20 -19.38 -31.28 -3.78
N LEU B 21 -18.90 -30.40 -4.68
CA LEU B 21 -17.61 -29.77 -4.49
C LEU B 21 -17.57 -28.95 -3.21
N LEU B 22 -18.74 -28.47 -2.83
CA LEU B 22 -18.88 -27.66 -1.61
C LEU B 22 -19.04 -28.60 -0.44
N ASN B 23 -19.23 -29.89 -0.69
CA ASN B 23 -19.31 -30.88 0.41
C ASN B 23 -17.89 -31.23 0.86
N THR B 24 -17.20 -30.22 1.31
CA THR B 24 -15.82 -30.36 1.76
C THR B 24 -15.67 -29.58 3.06
N ASP B 25 -14.64 -29.88 3.82
CA ASP B 25 -14.38 -29.17 5.09
C ASP B 25 -14.04 -27.72 4.78
N LYS B 26 -13.33 -27.49 3.68
CA LYS B 26 -12.77 -26.20 3.29
C LYS B 26 -13.28 -25.83 1.90
N PRO B 27 -14.55 -25.42 1.79
CA PRO B 27 -15.11 -25.07 0.51
C PRO B 27 -14.40 -23.89 -0.14
N VAL B 28 -14.03 -22.90 0.65
CA VAL B 28 -13.35 -21.71 0.09
C VAL B 28 -12.01 -22.13 -0.49
N GLN B 29 -11.26 -22.91 0.26
CA GLN B 29 -10.00 -23.37 -0.31
C GLN B 29 -10.22 -24.26 -1.51
N ALA B 30 -11.28 -25.10 -1.48
CA ALA B 30 -11.62 -25.86 -2.68
C ALA B 30 -11.95 -24.93 -3.86
N LEU B 31 -12.70 -23.88 -3.60
CA LEU B 31 -13.02 -22.92 -4.66
C LEU B 31 -11.79 -22.20 -5.14
N MET B 32 -10.88 -21.88 -4.23
CA MET B 32 -9.61 -21.30 -4.63
C MET B 32 -8.85 -22.25 -5.55
N LYS B 33 -8.81 -23.54 -5.19
CA LYS B 33 -8.07 -24.48 -6.03
C LYS B 33 -8.74 -24.59 -7.37
N ILE B 34 -10.08 -24.52 -7.39
CA ILE B 34 -10.77 -24.56 -8.67
C ILE B 34 -10.44 -23.34 -9.47
N ALA B 35 -10.47 -22.17 -8.81
CA ALA B 35 -10.13 -20.95 -9.54
C ALA B 35 -8.68 -20.99 -10.01
N ASP B 36 -7.79 -21.65 -9.26
CA ASP B 36 -6.43 -21.85 -9.75
C ASP B 36 -6.42 -22.63 -11.04
N GLU B 37 -7.23 -23.69 -11.11
CA GLU B 37 -7.30 -24.49 -12.32
C GLU B 37 -8.05 -23.77 -13.44
N LEU B 38 -9.14 -23.09 -13.13
CA LEU B 38 -10.04 -22.63 -14.18
C LEU B 38 -9.84 -21.16 -14.53
N GLY B 39 -9.20 -20.41 -13.68
CA GLY B 39 -8.93 -19.02 -13.97
C GLY B 39 -9.91 -18.08 -13.31
N GLU B 40 -10.02 -16.92 -13.91
CA GLU B 40 -10.64 -15.76 -13.31
C GLU B 40 -12.13 -15.91 -13.12
N ILE B 41 -12.76 -16.85 -13.80
CA ILE B 41 -14.19 -16.98 -13.66
C ILE B 41 -14.56 -18.41 -13.93
N PHE B 42 -15.42 -18.93 -13.08
CA PHE B 42 -15.99 -20.20 -13.44
C PHE B 42 -17.43 -20.26 -12.95
N LYS B 43 -18.22 -20.91 -13.76
CA LYS B 43 -19.59 -21.19 -13.43
C LYS B 43 -19.62 -22.23 -12.33
N PHE B 44 -20.48 -22.02 -11.37
CA PHE B 44 -20.72 -23.03 -10.36
C PHE B 44 -22.21 -23.24 -10.25
N GLU B 45 -22.62 -24.47 -10.50
CA GLU B 45 -24.01 -24.81 -10.58
C GLU B 45 -24.32 -25.76 -9.44
N ALA B 46 -25.43 -25.52 -8.80
CA ALA B 46 -26.05 -26.44 -7.86
C ALA B 46 -27.45 -26.68 -8.39
N PRO B 47 -28.21 -27.66 -7.86
CA PRO B 47 -29.62 -27.78 -8.25
C PRO B 47 -30.32 -26.45 -8.05
N GLY B 48 -30.95 -25.91 -9.11
CA GLY B 48 -31.67 -24.65 -8.95
C GLY B 48 -30.81 -23.50 -8.49
N ARG B 49 -29.54 -23.48 -8.83
CA ARG B 49 -28.66 -22.38 -8.38
C ARG B 49 -27.49 -22.33 -9.32
N VAL B 50 -27.21 -21.14 -9.80
CA VAL B 50 -26.08 -20.91 -10.67
C VAL B 50 -25.37 -19.68 -10.16
N THR B 51 -24.07 -19.78 -10.02
CA THR B 51 -23.33 -18.58 -9.72
C THR B 51 -22.03 -18.69 -10.46
N ARG B 52 -21.32 -17.57 -10.50
CA ARG B 52 -20.06 -17.50 -11.22
C ARG B 52 -19.05 -16.97 -10.24
N TYR B 53 -17.99 -17.75 -10.04
CA TYR B 53 -16.95 -17.39 -9.10
C TYR B 53 -15.92 -16.56 -9.82
N LEU B 54 -15.76 -15.37 -9.34
CA LEU B 54 -14.81 -14.41 -9.87
C LEU B 54 -13.56 -14.38 -9.00
N SER B 55 -12.40 -14.35 -9.68
CA SER B 55 -11.11 -14.40 -9.03
C SER B 55 -10.16 -13.33 -9.48
N SER B 56 -10.45 -12.59 -10.56
CA SER B 56 -9.47 -11.64 -11.08
C SER B 56 -9.93 -10.25 -10.75
N GLN B 57 -8.99 -9.35 -10.48
CA GLN B 57 -9.38 -7.98 -10.26
C GLN B 57 -10.06 -7.42 -11.51
N ARG B 58 -9.63 -7.88 -12.69
CA ARG B 58 -10.21 -7.40 -13.94
C ARG B 58 -11.72 -7.60 -13.95
N LEU B 59 -12.17 -8.81 -13.60
CA LEU B 59 -13.61 -9.04 -13.60
C LEU B 59 -14.25 -8.49 -12.34
N ILE B 60 -13.52 -8.59 -11.21
CA ILE B 60 -14.12 -8.16 -9.95
C ILE B 60 -14.29 -6.65 -9.89
N LYS B 61 -13.43 -5.89 -10.53
CA LYS B 61 -13.63 -4.44 -10.53
C LYS B 61 -14.95 -4.09 -11.22
N GLU B 62 -15.35 -4.89 -12.22
CA GLU B 62 -16.64 -4.68 -12.85
C GLU B 62 -17.74 -5.13 -11.93
N ALA B 63 -17.57 -6.29 -11.32
CA ALA B 63 -18.59 -6.78 -10.41
C ALA B 63 -18.80 -5.77 -9.29
N CYS B 64 -17.76 -5.02 -8.95
CA CYS B 64 -17.89 -4.04 -7.89
C CYS B 64 -18.50 -2.75 -8.36
N ASP B 65 -18.86 -2.67 -9.63
CA ASP B 65 -19.55 -1.50 -10.13
C ASP B 65 -20.94 -1.58 -9.58
N GLU B 66 -21.25 -0.72 -8.63
CA GLU B 66 -22.56 -0.76 -7.98
C GLU B 66 -23.69 -0.35 -8.90
N SER B 67 -23.38 0.34 -10.00
CA SER B 67 -24.46 0.65 -10.92
C SER B 67 -24.82 -0.58 -11.72
N ARG B 68 -23.98 -1.59 -11.72
CA ARG B 68 -24.28 -2.80 -12.50
C ARG B 68 -24.58 -3.98 -11.61
N PHE B 69 -23.97 -4.03 -10.45
CA PHE B 69 -24.13 -5.16 -9.53
C PHE B 69 -24.43 -4.64 -8.13
N ASP B 70 -25.30 -5.37 -7.49
CA ASP B 70 -25.73 -5.12 -6.12
C ASP B 70 -25.40 -6.36 -5.30
N LYS B 71 -25.19 -6.18 -4.01
CA LYS B 71 -24.97 -7.31 -3.12
C LYS B 71 -26.10 -8.32 -3.31
N ASN B 72 -25.66 -9.54 -3.49
CA ASN B 72 -26.53 -10.69 -3.50
C ASN B 72 -26.39 -11.38 -2.17
N LEU B 73 -27.48 -11.94 -1.66
CA LEU B 73 -27.34 -12.82 -0.50
C LEU B 73 -26.94 -14.17 -1.07
N SER B 74 -25.69 -14.57 -0.85
CA SER B 74 -25.29 -15.92 -1.19
C SER B 74 -26.15 -16.92 -0.43
N GLN B 75 -26.11 -18.18 -0.82
CA GLN B 75 -26.87 -19.16 -0.08
C GLN B 75 -26.43 -19.16 1.37
N ALA B 76 -25.12 -19.01 1.61
CA ALA B 76 -24.64 -18.94 2.97
C ALA B 76 -25.31 -17.81 3.71
N LEU B 77 -25.34 -16.63 3.10
CA LEU B 77 -25.97 -15.51 3.75
C LEU B 77 -27.47 -15.73 3.92
N LYS B 78 -28.14 -16.38 2.96
CA LYS B 78 -29.57 -16.64 3.15
C LYS B 78 -29.81 -17.53 4.35
N PHE B 79 -28.94 -18.53 4.52
CA PHE B 79 -29.13 -19.38 5.70
C PHE B 79 -28.80 -18.61 6.97
N VAL B 80 -27.76 -17.77 6.97
CA VAL B 80 -27.47 -16.96 8.15
C VAL B 80 -28.61 -16.00 8.41
N ARG B 81 -29.25 -15.53 7.33
CA ARG B 81 -30.41 -14.65 7.49
C ARG B 81 -31.51 -15.31 8.32
N ASP B 82 -31.56 -16.64 8.38
CA ASP B 82 -32.53 -17.24 9.27
C ASP B 82 -32.30 -16.86 10.71
N PHE B 83 -31.10 -16.37 11.06
CA PHE B 83 -30.95 -15.81 12.39
C PHE B 83 -30.41 -14.40 12.43
N THR B 84 -29.88 -13.85 11.33
CA THR B 84 -29.53 -12.44 11.35
C THR B 84 -30.56 -11.58 10.66
N GLY B 85 -31.64 -12.20 10.23
CA GLY B 85 -32.78 -11.57 9.53
C GLY B 85 -32.37 -10.47 8.55
N ASP B 86 -33.00 -9.32 8.68
CA ASP B 86 -32.71 -8.12 7.86
C ASP B 86 -31.75 -7.20 8.60
N GLY B 87 -30.79 -7.81 9.29
CA GLY B 87 -29.59 -7.14 9.82
C GLY B 87 -28.76 -6.67 8.64
N LEU B 88 -27.88 -5.73 8.86
CA LEU B 88 -27.09 -5.10 7.78
C LEU B 88 -26.42 -6.08 6.81
N ALA B 89 -25.83 -7.14 7.33
CA ALA B 89 -25.08 -8.10 6.50
C ALA B 89 -26.00 -9.00 5.69
N THR B 90 -27.24 -9.16 6.11
CA THR B 90 -28.07 -10.13 5.44
C THR B 90 -29.32 -9.51 4.88
N SER B 91 -29.34 -8.22 4.76
CA SER B 91 -30.46 -7.53 4.17
CA SER B 91 -30.46 -7.54 4.17
C SER B 91 -30.13 -7.21 2.72
N TRP B 92 -31.13 -7.24 1.88
CA TRP B 92 -30.90 -6.78 0.53
C TRP B 92 -30.78 -5.26 0.57
N THR B 93 -30.00 -4.73 -0.37
CA THR B 93 -29.82 -3.30 -0.44
C THR B 93 -31.15 -2.59 -0.58
N HIS B 94 -32.10 -3.21 -1.28
CA HIS B 94 -33.38 -2.55 -1.53
C HIS B 94 -34.33 -2.74 -0.34
N GLU B 95 -33.94 -3.55 0.62
CA GLU B 95 -34.82 -3.71 1.79
C GLU B 95 -34.72 -2.43 2.59
N LYS B 96 -35.85 -1.95 3.06
CA LYS B 96 -35.92 -0.68 3.79
C LYS B 96 -35.01 -0.69 5.01
N ASN B 97 -34.93 -1.79 5.74
CA ASN B 97 -34.05 -1.88 6.92
C ASN B 97 -32.57 -1.74 6.60
N TRP B 98 -32.15 -2.12 5.41
CA TRP B 98 -30.70 -2.03 5.13
C TRP B 98 -30.23 -0.59 5.15
N LYS B 99 -30.88 0.25 4.38
CA LYS B 99 -30.40 1.65 4.24
C LYS B 99 -30.65 2.35 5.56
N LYS B 100 -31.77 2.01 6.13
CA LYS B 100 -32.15 2.60 7.39
C LYS B 100 -31.14 2.26 8.45
N ALA B 101 -30.86 0.97 8.63
CA ALA B 101 -29.87 0.62 9.64
C ALA B 101 -28.52 1.16 9.20
N HIS B 102 -28.29 1.11 7.90
CA HIS B 102 -27.02 1.58 7.43
C HIS B 102 -26.81 3.04 7.81
N ASN B 103 -27.82 3.88 7.53
CA ASN B 103 -27.72 5.30 7.87
C ASN B 103 -27.57 5.50 9.37
N ILE B 104 -28.33 4.72 10.14
CA ILE B 104 -28.33 4.89 11.57
C ILE B 104 -27.00 4.44 12.15
N LEU B 105 -26.47 3.32 11.65
CA LEU B 105 -25.28 2.73 12.25
C LEU B 105 -23.99 3.26 11.68
N LEU B 106 -23.99 3.84 10.48
CA LEU B 106 -22.70 4.24 9.92
C LEU B 106 -21.91 5.12 10.87
N PRO B 107 -22.49 6.14 11.52
CA PRO B 107 -21.68 6.94 12.45
C PRO B 107 -21.12 6.17 13.61
N SER B 108 -21.75 5.12 14.06
CA SER B 108 -21.11 4.48 15.18
C SER B 108 -20.08 3.46 14.73
N PHE B 109 -19.83 3.36 13.46
CA PHE B 109 -18.73 2.55 12.96
C PHE B 109 -17.65 3.38 12.32
N SER B 110 -17.77 4.70 12.39
CA SER B 110 -16.80 5.53 11.73
C SER B 110 -15.47 5.42 12.48
N GLN B 111 -14.40 5.86 11.80
CA GLN B 111 -13.09 6.02 12.43
C GLN B 111 -13.19 6.88 13.66
N GLN B 112 -14.01 7.93 13.59
CA GLN B 112 -14.22 8.78 14.74
C GLN B 112 -14.89 8.02 15.86
N ALA B 113 -15.77 7.06 15.53
CA ALA B 113 -16.45 6.35 16.61
C ALA B 113 -15.48 5.45 17.35
N MET B 114 -14.39 5.03 16.68
CA MET B 114 -13.42 4.16 17.31
C MET B 114 -12.77 4.83 18.50
N LYS B 115 -12.66 6.15 18.47
CA LYS B 115 -12.19 6.88 19.64
C LYS B 115 -13.03 6.54 20.84
N GLY B 116 -14.34 6.42 20.63
CA GLY B 116 -15.25 6.14 21.73
C GLY B 116 -15.21 4.70 22.17
N TYR B 117 -14.94 3.78 21.25
CA TYR B 117 -14.81 2.36 21.54
C TYR B 117 -13.46 2.00 22.08
N HIS B 118 -12.50 2.88 21.89
CA HIS B 118 -11.12 2.47 22.10
C HIS B 118 -10.90 1.95 23.52
N ALA B 119 -11.40 2.67 24.51
CA ALA B 119 -11.15 2.28 25.91
C ALA B 119 -11.70 0.88 26.21
N MET B 120 -12.90 0.56 25.71
CA MET B 120 -13.42 -0.79 25.92
C MET B 120 -12.58 -1.83 25.18
N MET B 121 -12.09 -1.48 24.00
CA MET B 121 -11.24 -2.41 23.29
C MET B 121 -10.00 -2.67 24.08
N VAL B 122 -9.40 -1.61 24.62
CA VAL B 122 -8.23 -1.75 25.47
C VAL B 122 -8.52 -2.63 26.68
N ASP B 123 -9.68 -2.43 27.30
CA ASP B 123 -10.10 -3.29 28.39
C ASP B 123 -9.95 -4.77 28.03
N ILE B 124 -10.51 -5.18 26.90
CA ILE B 124 -10.41 -6.57 26.55
C ILE B 124 -8.98 -6.90 26.12
N ALA B 125 -8.33 -5.99 25.39
CA ALA B 125 -7.00 -6.27 24.94
C ALA B 125 -6.09 -6.48 26.14
N VAL B 126 -6.25 -5.67 27.16
CA VAL B 126 -5.52 -5.88 28.40
C VAL B 126 -5.82 -7.26 28.98
N GLN B 127 -7.07 -7.69 28.97
CA GLN B 127 -7.35 -9.04 29.49
C GLN B 127 -6.60 -10.08 28.68
N LEU B 128 -6.55 -9.90 27.37
CA LEU B 128 -5.77 -10.80 26.56
C LEU B 128 -4.31 -10.76 26.97
N VAL B 129 -3.74 -9.57 27.07
CA VAL B 129 -2.33 -9.49 27.41
C VAL B 129 -2.09 -10.08 28.78
N GLN B 130 -2.94 -9.72 29.74
CA GLN B 130 -2.80 -10.30 31.07
C GLN B 130 -2.93 -11.80 31.02
N LYS B 131 -3.85 -12.31 30.19
CA LYS B 131 -3.92 -13.75 30.15
C LYS B 131 -2.61 -14.35 29.72
N TRP B 132 -2.02 -13.77 28.71
CA TRP B 132 -0.79 -14.34 28.21
C TRP B 132 0.34 -14.06 29.14
N GLU B 133 0.35 -12.90 29.77
CA GLU B 133 1.35 -12.67 30.80
C GLU B 133 1.27 -13.76 31.86
N ARG B 134 0.08 -14.29 32.09
CA ARG B 134 -0.11 -15.19 33.22
C ARG B 134 0.11 -16.65 32.88
N LEU B 135 0.45 -16.97 31.62
CA LEU B 135 0.77 -18.34 31.29
C LEU B 135 2.06 -18.76 31.97
N ASN B 136 2.07 -20.04 32.26
CA ASN B 136 3.24 -20.69 32.84
C ASN B 136 4.23 -20.93 31.71
N ALA B 137 5.48 -21.17 32.09
CA ALA B 137 6.54 -21.45 31.13
C ALA B 137 6.15 -22.68 30.34
N ASP B 138 6.24 -22.59 29.03
CA ASP B 138 5.94 -23.77 28.19
C ASP B 138 4.45 -24.17 28.17
N GLU B 139 3.56 -23.32 28.66
CA GLU B 139 2.15 -23.43 28.30
C GLU B 139 2.08 -22.66 26.99
N HIS B 140 1.13 -22.98 26.16
CA HIS B 140 1.09 -22.23 24.90
C HIS B 140 -0.21 -21.47 24.81
N ILE B 141 -0.33 -20.75 23.74
CA ILE B 141 -1.51 -19.98 23.46
C ILE B 141 -2.25 -20.66 22.32
N GLU B 142 -3.53 -20.88 22.53
CA GLU B 142 -4.43 -21.31 21.45
C GLU B 142 -4.92 -20.04 20.79
N VAL B 143 -4.29 -19.70 19.67
CA VAL B 143 -4.45 -18.36 19.16
C VAL B 143 -5.87 -18.04 18.73
N PRO B 144 -6.50 -18.79 17.80
CA PRO B 144 -7.84 -18.38 17.36
C PRO B 144 -8.81 -18.37 18.51
N GLU B 145 -8.63 -19.34 19.40
CA GLU B 145 -9.44 -19.37 20.61
C GLU B 145 -9.26 -18.10 21.42
N ASP B 146 -8.04 -17.70 21.70
CA ASP B 146 -7.91 -16.45 22.44
C ASP B 146 -8.29 -15.25 21.63
N MET B 147 -7.99 -15.25 20.33
CA MET B 147 -8.41 -14.12 19.52
C MET B 147 -9.91 -14.01 19.51
N THR B 148 -10.59 -15.16 19.45
CA THR B 148 -12.03 -15.12 19.43
C THR B 148 -12.58 -14.62 20.75
N ARG B 149 -11.99 -15.10 21.88
CA ARG B 149 -12.30 -14.56 23.20
C ARG B 149 -12.15 -13.06 23.18
N LEU B 150 -11.05 -12.57 22.61
CA LEU B 150 -10.87 -11.12 22.54
C LEU B 150 -11.94 -10.44 21.68
N THR B 151 -12.11 -10.91 20.45
CA THR B 151 -12.97 -10.17 19.54
C THR B 151 -14.42 -10.26 19.99
N LEU B 152 -14.85 -11.44 20.41
CA LEU B 152 -16.20 -11.54 20.93
C LEU B 152 -16.39 -10.59 22.09
N ASP B 153 -15.45 -10.60 23.03
CA ASP B 153 -15.64 -9.73 24.16
C ASP B 153 -15.67 -8.30 23.72
N THR B 154 -14.81 -7.98 22.76
CA THR B 154 -14.71 -6.60 22.39
C THR B 154 -16.02 -6.11 21.81
N ILE B 155 -16.62 -6.91 20.94
CA ILE B 155 -17.87 -6.45 20.33
C ILE B 155 -19.00 -6.53 21.36
N GLY B 156 -18.95 -7.54 22.24
CA GLY B 156 -19.93 -7.54 23.31
C GLY B 156 -19.87 -6.26 24.11
N LEU B 157 -18.68 -5.83 24.44
CA LEU B 157 -18.55 -4.68 25.34
C LEU B 157 -18.77 -3.40 24.56
N CYS B 158 -18.17 -3.26 23.41
CA CYS B 158 -18.32 -2.02 22.63
C CYS B 158 -19.73 -1.94 22.10
N GLY B 159 -20.22 -3.04 21.60
CA GLY B 159 -21.56 -3.01 21.04
C GLY B 159 -22.68 -2.88 22.05
N PHE B 160 -22.62 -3.67 23.09
CA PHE B 160 -23.82 -3.73 23.95
C PHE B 160 -23.49 -3.61 25.43
N ASN B 161 -22.31 -3.12 25.75
CA ASN B 161 -21.86 -2.95 27.14
C ASN B 161 -22.09 -4.27 27.87
N TYR B 162 -21.86 -5.36 27.19
CA TYR B 162 -22.07 -6.68 27.80
C TYR B 162 -20.72 -7.36 27.84
N ARG B 163 -20.37 -7.93 29.00
CA ARG B 163 -19.05 -8.59 29.15
C ARG B 163 -19.20 -10.11 29.03
N PHE B 164 -18.94 -10.66 27.84
CA PHE B 164 -18.99 -12.12 27.64
C PHE B 164 -18.04 -12.80 28.62
N ASN B 165 -16.98 -12.11 29.04
CA ASN B 165 -16.06 -12.60 30.07
C ASN B 165 -15.45 -13.86 29.48
N SER B 166 -15.11 -13.78 28.21
CA SER B 166 -14.59 -14.98 27.58
C SER B 166 -13.28 -15.39 28.17
N PHE B 167 -12.53 -14.46 28.72
CA PHE B 167 -11.30 -14.91 29.30
C PHE B 167 -11.51 -15.57 30.64
N TYR B 168 -12.74 -15.64 31.12
CA TYR B 168 -12.98 -16.31 32.40
C TYR B 168 -13.68 -17.63 32.16
N ARG B 169 -13.68 -18.09 30.93
CA ARG B 169 -14.51 -19.22 30.50
C ARG B 169 -13.67 -20.14 29.66
N ASP B 170 -13.91 -21.43 29.81
CA ASP B 170 -13.61 -22.42 28.81
C ASP B 170 -14.83 -22.66 27.93
N GLN B 171 -15.99 -22.91 28.57
CA GLN B 171 -17.25 -23.19 27.89
C GLN B 171 -17.90 -21.89 27.42
N PRO B 172 -18.25 -21.78 26.15
CA PRO B 172 -18.80 -20.52 25.66
C PRO B 172 -20.14 -20.17 26.27
N HIS B 173 -20.39 -18.88 26.22
CA HIS B 173 -21.63 -18.29 26.69
C HIS B 173 -22.83 -18.88 25.95
N PRO B 174 -23.96 -19.07 26.61
CA PRO B 174 -25.10 -19.71 25.93
C PRO B 174 -25.47 -19.03 24.62
N PHE B 175 -25.36 -17.72 24.51
CA PHE B 175 -25.65 -17.12 23.22
C PHE B 175 -24.70 -17.62 22.15
N ILE B 176 -23.41 -17.72 22.47
CA ILE B 176 -22.42 -18.14 21.47
C ILE B 176 -22.64 -19.57 21.08
N THR B 177 -22.92 -20.40 22.06
CA THR B 177 -23.18 -21.79 21.78
C THR B 177 -24.23 -21.89 20.70
N SER B 178 -25.28 -21.09 20.83
CA SER B 178 -26.34 -21.16 19.85
C SER B 178 -25.89 -20.54 18.55
N MET B 179 -25.21 -19.41 18.61
CA MET B 179 -24.78 -18.74 17.39
C MET B 179 -23.86 -19.62 16.60
N VAL B 180 -22.86 -20.18 17.28
CA VAL B 180 -21.95 -21.06 16.60
C VAL B 180 -22.70 -22.25 16.08
N ARG B 181 -23.61 -22.77 16.87
CA ARG B 181 -24.26 -23.95 16.35
C ARG B 181 -25.22 -23.56 15.24
N ALA B 182 -25.83 -22.38 15.31
CA ALA B 182 -26.65 -21.91 14.18
C ALA B 182 -25.79 -21.72 12.94
N LEU B 183 -24.62 -21.09 13.08
CA LEU B 183 -23.70 -21.00 11.96
C LEU B 183 -23.29 -22.36 11.44
N ASP B 184 -22.97 -23.31 12.35
CA ASP B 184 -22.55 -24.60 11.86
C ASP B 184 -23.65 -25.23 11.03
N GLU B 185 -24.89 -25.07 11.49
CA GLU B 185 -26.03 -25.59 10.76
C GLU B 185 -26.20 -24.86 9.44
N ALA B 186 -26.07 -23.53 9.45
CA ALA B 186 -26.17 -22.78 8.22
C ALA B 186 -25.13 -23.26 7.21
N MET B 187 -23.88 -23.40 7.64
CA MET B 187 -22.86 -23.93 6.75
C MET B 187 -23.18 -25.34 6.29
N ASN B 188 -23.62 -26.20 7.22
CA ASN B 188 -23.87 -27.58 6.88
C ASN B 188 -24.97 -27.70 5.82
N LYS B 189 -25.99 -26.85 5.89
CA LYS B 189 -27.04 -26.85 4.86
C LYS B 189 -26.44 -26.57 3.47
N LEU B 190 -25.34 -25.85 3.41
CA LEU B 190 -24.74 -25.58 2.11
C LEU B 190 -24.19 -26.84 1.49
N GLN B 191 -23.60 -27.71 2.31
CA GLN B 191 -22.96 -28.92 1.86
C GLN B 191 -23.96 -30.02 1.57
N ARG B 192 -25.21 -29.79 1.90
CA ARG B 192 -26.21 -30.81 2.04
C ARG B 192 -26.82 -31.11 0.67
N PRO B 195 -29.95 -33.55 0.30
CA PRO B 195 -31.34 -33.13 0.41
C PRO B 195 -31.73 -33.00 1.88
N ASP B 196 -32.88 -32.37 2.16
CA ASP B 196 -33.35 -32.21 3.53
C ASP B 196 -34.19 -33.44 3.88
N ASP B 197 -33.48 -34.57 4.04
CA ASP B 197 -34.12 -35.82 4.40
C ASP B 197 -34.56 -35.75 5.85
N PRO B 198 -35.48 -36.64 6.28
CA PRO B 198 -35.96 -36.56 7.67
C PRO B 198 -34.84 -36.60 8.70
N ALA B 199 -33.66 -37.12 8.34
CA ALA B 199 -32.53 -37.22 9.27
C ALA B 199 -32.21 -35.91 9.94
N TYR B 200 -32.38 -34.79 9.25
CA TYR B 200 -32.01 -33.46 9.72
C TYR B 200 -33.06 -32.82 10.58
N ASP B 201 -34.11 -33.56 10.96
CA ASP B 201 -35.11 -32.99 11.86
C ASP B 201 -34.46 -32.60 13.18
N GLU B 202 -33.44 -33.36 13.64
CA GLU B 202 -32.73 -32.93 14.84
C GLU B 202 -31.97 -31.65 14.59
N ASN B 203 -31.28 -31.57 13.44
CA ASN B 203 -30.58 -30.34 13.08
C ASN B 203 -31.53 -29.17 12.92
N LYS B 204 -32.68 -29.41 12.29
CA LYS B 204 -33.68 -28.36 12.11
C LYS B 204 -34.23 -27.89 13.45
N ARG B 205 -34.69 -28.81 14.31
CA ARG B 205 -35.16 -28.39 15.64
C ARG B 205 -34.08 -27.60 16.37
N GLN B 206 -32.84 -28.09 16.31
CA GLN B 206 -31.72 -27.46 17.00
C GLN B 206 -31.48 -26.07 16.45
N PHE B 207 -31.52 -25.95 15.13
CA PHE B 207 -31.40 -24.65 14.51
C PHE B 207 -32.50 -23.72 15.01
N GLN B 208 -33.72 -24.22 15.12
CA GLN B 208 -34.78 -23.34 15.58
C GLN B 208 -34.63 -23.02 17.05
N GLU B 209 -34.20 -24.00 17.84
CA GLU B 209 -33.86 -23.74 19.24
C GLU B 209 -32.74 -22.73 19.35
N ASP B 210 -31.73 -22.86 18.53
CA ASP B 210 -30.64 -21.92 18.63
C ASP B 210 -31.09 -20.54 18.22
N ILE B 211 -31.92 -20.45 17.18
CA ILE B 211 -32.46 -19.16 16.78
C ILE B 211 -33.27 -18.56 17.91
N LYS B 212 -34.16 -19.38 18.49
CA LYS B 212 -34.95 -18.91 19.63
C LYS B 212 -34.03 -18.47 20.77
N VAL B 213 -32.97 -19.22 21.03
CA VAL B 213 -32.04 -18.84 22.09
C VAL B 213 -31.44 -17.46 21.80
N MET B 214 -30.88 -17.27 20.61
CA MET B 214 -30.28 -15.99 20.28
C MET B 214 -31.32 -14.89 20.35
N ASN B 215 -32.49 -15.13 19.77
CA ASN B 215 -33.52 -14.10 19.81
C ASN B 215 -33.88 -13.74 21.22
N ASP B 216 -34.13 -14.74 22.03
CA ASP B 216 -34.51 -14.49 23.44
C ASP B 216 -33.42 -13.67 24.13
N LEU B 217 -32.18 -14.11 24.08
CA LEU B 217 -31.13 -13.38 24.84
C LEU B 217 -30.96 -11.97 24.31
N VAL B 218 -30.92 -11.84 23.00
CA VAL B 218 -30.70 -10.50 22.43
C VAL B 218 -31.92 -9.64 22.71
N ASP B 219 -33.13 -10.19 22.57
CA ASP B 219 -34.35 -9.40 22.85
C ASP B 219 -34.33 -8.96 24.32
N LYS B 220 -33.87 -9.82 25.23
CA LYS B 220 -33.75 -9.46 26.66
C LYS B 220 -32.74 -8.34 26.81
N ILE B 221 -31.61 -8.41 26.12
CA ILE B 221 -30.63 -7.33 26.25
C ILE B 221 -31.25 -6.02 25.78
N ILE B 222 -31.95 -6.05 24.65
CA ILE B 222 -32.62 -4.83 24.18
C ILE B 222 -33.64 -4.38 25.21
N ALA B 223 -34.51 -5.29 25.64
CA ALA B 223 -35.51 -4.90 26.63
C ALA B 223 -34.85 -4.40 27.90
N ASP B 224 -33.80 -5.07 28.34
CA ASP B 224 -33.15 -4.61 29.57
C ASP B 224 -32.62 -3.20 29.42
N ARG B 225 -32.03 -2.90 28.26
CA ARG B 225 -31.50 -1.56 28.06
C ARG B 225 -32.63 -0.54 28.02
N LYS B 226 -33.70 -0.84 27.26
CA LYS B 226 -34.81 0.11 27.17
C LYS B 226 -35.41 0.38 28.56
N ALA B 227 -35.56 -0.67 29.38
CA ALA B 227 -36.10 -0.52 30.73
C ALA B 227 -35.21 0.37 31.60
N SER B 228 -33.88 0.22 31.49
CA SER B 228 -32.96 1.01 32.32
C SER B 228 -32.95 2.47 31.92
N GLY B 229 -32.95 2.70 30.61
CA GLY B 229 -32.69 4.00 30.04
C GLY B 229 -31.23 4.37 30.04
N GLU B 230 -30.43 3.50 30.62
CA GLU B 230 -28.98 3.77 30.74
C GLU B 230 -28.45 4.02 29.34
N GLN B 231 -27.85 5.18 29.17
CA GLN B 231 -27.29 5.51 27.86
C GLN B 231 -25.80 5.24 27.99
N SER B 232 -25.30 4.37 27.14
CA SER B 232 -23.88 4.01 27.16
C SER B 232 -23.28 4.37 25.80
N ASP B 233 -21.97 4.29 25.67
CA ASP B 233 -21.37 4.60 24.35
C ASP B 233 -21.33 3.29 23.57
N ASP B 234 -22.49 2.77 23.17
CA ASP B 234 -22.50 1.44 22.54
C ASP B 234 -23.51 1.43 21.40
N LEU B 235 -23.34 0.46 20.55
CA LEU B 235 -24.23 0.30 19.40
C LEU B 235 -25.65 0.17 19.89
N LEU B 236 -25.89 -0.53 20.99
CA LEU B 236 -27.29 -0.68 21.36
C LEU B 236 -27.91 0.68 21.64
N THR B 237 -27.22 1.53 22.40
CA THR B 237 -27.74 2.87 22.67
C THR B 237 -27.95 3.63 21.37
N HIS B 238 -26.97 3.57 20.48
CA HIS B 238 -27.13 4.27 19.21
C HIS B 238 -28.31 3.73 18.41
N MET B 239 -28.56 2.43 18.48
CA MET B 239 -29.70 1.87 17.76
C MET B 239 -31.03 2.19 18.43
N LEU B 240 -31.03 2.32 19.75
CA LEU B 240 -32.27 2.64 20.43
C LEU B 240 -32.66 4.10 20.25
N ASN B 241 -31.68 4.94 20.02
CA ASN B 241 -31.94 6.36 19.88
C ASN B 241 -31.82 6.86 18.46
N GLY B 242 -31.07 6.14 17.63
CA GLY B 242 -30.71 6.69 16.34
C GLY B 242 -31.91 6.76 15.44
N LYS B 243 -31.97 7.80 14.64
CA LYS B 243 -33.04 7.89 13.66
C LYS B 243 -32.37 7.98 12.32
N ASP B 244 -32.84 7.20 11.40
CA ASP B 244 -32.46 7.28 10.04
C ASP B 244 -32.83 8.65 9.52
N PRO B 245 -31.88 9.47 9.09
CA PRO B 245 -32.19 10.77 8.51
C PRO B 245 -33.18 10.67 7.36
N GLU B 246 -33.12 9.60 6.59
CA GLU B 246 -33.94 9.47 5.39
C GLU B 246 -35.40 9.21 5.78
N THR B 247 -35.67 8.07 6.44
CA THR B 247 -37.03 7.78 6.85
C THR B 247 -37.43 8.52 8.12
N GLY B 248 -36.45 9.07 8.85
CA GLY B 248 -36.77 9.64 10.13
C GLY B 248 -37.08 8.62 11.21
N GLU B 249 -37.01 7.31 10.90
CA GLU B 249 -37.41 6.28 11.82
C GLU B 249 -36.20 5.71 12.55
N PRO B 250 -36.45 5.29 13.77
CA PRO B 250 -35.49 4.41 14.46
C PRO B 250 -35.65 2.99 13.94
N LEU B 251 -34.63 2.20 14.20
CA LEU B 251 -34.76 0.78 13.99
C LEU B 251 -35.82 0.23 14.93
N ASP B 252 -36.57 -0.76 14.47
CA ASP B 252 -37.39 -1.38 15.49
C ASP B 252 -36.57 -2.40 16.25
N ASP B 253 -37.13 -2.86 17.38
CA ASP B 253 -36.39 -3.70 18.31
C ASP B 253 -36.00 -4.99 17.64
N GLU B 254 -36.85 -5.49 16.76
CA GLU B 254 -36.51 -6.72 16.05
C GLU B 254 -35.31 -6.48 15.14
N ASN B 255 -35.30 -5.37 14.41
CA ASN B 255 -34.12 -5.15 13.58
C ASN B 255 -32.88 -4.91 14.45
N ILE B 256 -33.05 -4.22 15.58
CA ILE B 256 -31.91 -4.04 16.47
C ILE B 256 -31.37 -5.40 16.87
N ARG B 257 -32.27 -6.32 17.18
CA ARG B 257 -31.85 -7.65 17.56
C ARG B 257 -31.01 -8.27 16.47
N TYR B 258 -31.50 -8.21 15.22
CA TYR B 258 -30.71 -8.78 14.13
C TYR B 258 -29.39 -8.07 13.99
N GLN B 259 -29.35 -6.75 14.18
CA GLN B 259 -28.05 -6.07 14.12
C GLN B 259 -27.12 -6.59 15.19
N ILE B 260 -27.64 -6.76 16.42
CA ILE B 260 -26.79 -7.24 17.50
C ILE B 260 -26.25 -8.61 17.16
N ILE B 261 -27.13 -9.52 16.76
CA ILE B 261 -26.68 -10.85 16.35
C ILE B 261 -25.67 -10.74 15.25
N THR B 262 -25.93 -9.89 14.28
CA THR B 262 -24.98 -9.74 13.18
C THR B 262 -23.63 -9.27 13.69
N PHE B 263 -23.65 -8.28 14.55
CA PHE B 263 -22.42 -7.69 15.11
C PHE B 263 -21.65 -8.73 15.91
N LEU B 264 -22.36 -9.51 16.68
CA LEU B 264 -21.71 -10.54 17.49
C LEU B 264 -21.09 -11.59 16.58
N LEU B 265 -21.82 -11.94 15.55
CA LEU B 265 -21.33 -12.88 14.53
C LEU B 265 -20.06 -12.29 13.89
N ALA B 266 -20.11 -11.10 13.35
CA ALA B 266 -18.93 -10.48 12.71
C ALA B 266 -17.73 -10.47 13.66
N GLY B 267 -17.86 -9.78 14.80
CA GLY B 267 -16.79 -9.64 15.80
C GLY B 267 -16.35 -10.96 16.42
N HIS B 268 -17.29 -11.87 16.66
CA HIS B 268 -17.01 -13.16 17.34
C HIS B 268 -16.00 -14.04 16.59
N GLU B 269 -16.06 -14.11 15.26
CA GLU B 269 -15.13 -15.02 14.53
C GLU B 269 -14.31 -14.26 13.47
N VAL B 270 -14.99 -13.66 12.49
CA VAL B 270 -14.39 -12.94 11.35
C VAL B 270 -13.21 -12.09 11.78
N THR B 271 -13.36 -11.34 12.84
CA THR B 271 -12.26 -10.47 13.26
C THR B 271 -11.20 -11.32 13.92
N SER B 272 -11.61 -12.30 14.71
CA SER B 272 -10.56 -13.08 15.34
C SER B 272 -9.74 -13.84 14.32
N GLY B 273 -10.36 -14.22 13.23
CA GLY B 273 -9.60 -14.86 12.19
C GLY B 273 -8.47 -13.97 11.68
N LEU B 274 -8.77 -12.70 11.45
CA LEU B 274 -7.75 -11.77 11.03
C LEU B 274 -6.59 -11.79 12.03
N LEU B 275 -6.90 -11.62 13.30
CA LEU B 275 -5.84 -11.63 14.29
C LEU B 275 -5.07 -12.95 14.25
N SER B 276 -5.77 -14.07 14.11
CA SER B 276 -5.06 -15.34 14.17
C SER B 276 -4.15 -15.49 12.97
N PHE B 277 -4.67 -15.16 11.79
CA PHE B 277 -3.85 -15.25 10.59
C PHE B 277 -2.71 -14.28 10.65
N ALA B 278 -2.98 -13.07 11.14
CA ALA B 278 -1.90 -12.08 11.29
C ALA B 278 -0.80 -12.64 12.16
N LEU B 279 -1.17 -13.19 13.33
CA LEU B 279 -0.16 -13.73 14.20
C LEU B 279 0.49 -14.94 13.56
N TYR B 280 -0.29 -15.76 12.88
CA TYR B 280 0.33 -16.85 12.15
C TYR B 280 1.38 -16.32 11.18
N PHE B 281 1.01 -15.38 10.33
CA PHE B 281 2.01 -14.90 9.39
C PHE B 281 3.17 -14.21 10.09
N LEU B 282 2.88 -13.52 11.17
CA LEU B 282 3.97 -12.89 11.90
C LEU B 282 4.98 -13.94 12.37
N VAL B 283 4.50 -15.05 12.92
CA VAL B 283 5.45 -15.99 13.47
C VAL B 283 6.11 -16.79 12.37
N LYS B 284 5.49 -16.87 11.19
CA LYS B 284 6.12 -17.53 10.06
C LYS B 284 7.06 -16.62 9.31
N ASN B 285 7.09 -15.36 9.62
CA ASN B 285 7.88 -14.38 8.89
C ASN B 285 8.58 -13.53 9.93
N PRO B 286 9.60 -14.08 10.55
CA PRO B 286 10.23 -13.39 11.66
C PRO B 286 10.73 -12.00 11.33
N HIS B 287 11.13 -11.71 10.06
CA HIS B 287 11.53 -10.35 9.77
C HIS B 287 10.33 -9.43 9.90
N VAL B 288 9.20 -9.87 9.35
CA VAL B 288 7.99 -9.07 9.48
C VAL B 288 7.64 -8.90 10.95
N LEU B 289 7.68 -9.98 11.71
CA LEU B 289 7.32 -9.85 13.14
C LEU B 289 8.25 -8.86 13.80
N GLN B 290 9.54 -8.94 13.48
CA GLN B 290 10.47 -8.04 14.10
C GLN B 290 10.12 -6.62 13.77
N LYS B 291 9.79 -6.37 12.53
CA LYS B 291 9.45 -5.04 12.14
C LYS B 291 8.14 -4.59 12.79
N ALA B 292 7.16 -5.47 12.86
CA ALA B 292 5.90 -5.10 13.52
C ALA B 292 6.12 -4.89 15.00
N ALA B 293 6.98 -5.71 15.61
CA ALA B 293 7.31 -5.58 17.02
C ALA B 293 8.05 -4.29 17.31
N GLU B 294 9.01 -3.94 16.46
CA GLU B 294 9.69 -2.67 16.61
C GLU B 294 8.70 -1.55 16.63
N GLU B 295 7.79 -1.58 15.67
CA GLU B 295 6.82 -0.52 15.60
C GLU B 295 5.95 -0.50 16.84
N ALA B 296 5.49 -1.69 17.25
CA ALA B 296 4.69 -1.78 18.46
C ALA B 296 5.44 -1.14 19.59
N ALA B 297 6.70 -1.53 19.76
CA ALA B 297 7.50 -1.04 20.86
C ALA B 297 7.73 0.46 20.73
N ARG B 298 7.96 0.94 19.52
CA ARG B 298 8.21 2.36 19.33
C ARG B 298 6.98 3.19 19.58
N VAL B 299 5.83 2.73 19.12
CA VAL B 299 4.65 3.57 19.14
C VAL B 299 3.91 3.44 20.45
N LEU B 300 3.81 2.22 20.97
CA LEU B 300 2.98 1.97 22.15
C LEU B 300 3.78 2.26 23.42
N VAL B 301 4.07 3.53 23.63
CA VAL B 301 4.97 3.94 24.71
C VAL B 301 4.27 4.06 26.05
N ASP B 302 2.94 3.93 26.09
CA ASP B 302 2.24 4.04 27.33
C ASP B 302 1.74 2.66 27.74
N PRO B 303 1.45 2.44 29.02
CA PRO B 303 1.01 1.11 29.46
C PRO B 303 -0.23 0.64 28.77
N VAL B 304 -1.07 1.58 28.34
CA VAL B 304 -2.33 1.35 27.67
C VAL B 304 -2.27 2.15 26.38
N PRO B 305 -2.42 1.53 25.22
CA PRO B 305 -2.36 2.26 23.97
C PRO B 305 -3.47 3.30 23.92
N SER B 306 -3.13 4.47 23.42
CA SER B 306 -4.18 5.41 23.13
C SER B 306 -4.69 5.16 21.71
N TYR B 307 -5.84 5.74 21.42
CA TYR B 307 -6.36 5.68 20.07
C TYR B 307 -5.34 6.22 19.06
N LYS B 308 -4.74 7.38 19.34
CA LYS B 308 -3.80 7.96 18.39
C LYS B 308 -2.62 7.04 18.19
N GLN B 309 -2.18 6.41 19.26
CA GLN B 309 -1.06 5.47 19.12
C GLN B 309 -1.46 4.30 18.25
N VAL B 310 -2.69 3.81 18.37
CA VAL B 310 -3.10 2.73 17.51
C VAL B 310 -3.08 3.17 16.05
N LYS B 311 -3.47 4.40 15.81
CA LYS B 311 -3.47 4.95 14.44
C LYS B 311 -2.04 5.01 13.92
N GLN B 312 -1.05 5.12 14.78
CA GLN B 312 0.32 5.19 14.32
C GLN B 312 0.90 3.82 14.02
N LEU B 313 0.20 2.74 14.33
CA LEU B 313 0.73 1.40 14.11
C LEU B 313 0.60 1.04 12.64
N LYS B 314 1.32 1.81 11.81
CA LYS B 314 1.20 1.67 10.38
C LYS B 314 1.59 0.28 9.94
N TYR B 315 2.77 -0.17 10.36
CA TYR B 315 3.22 -1.48 9.93
C TYR B 315 2.31 -2.58 10.45
N VAL B 316 1.84 -2.43 11.68
CA VAL B 316 0.88 -3.41 12.17
C VAL B 316 -0.33 -3.43 11.25
N GLY B 317 -0.81 -2.25 10.85
CA GLY B 317 -1.90 -2.19 9.89
C GLY B 317 -1.56 -2.86 8.57
N MET B 318 -0.31 -2.71 8.12
CA MET B 318 0.10 -3.39 6.89
C MET B 318 0.07 -4.89 7.09
N VAL B 319 0.57 -5.35 8.24
CA VAL B 319 0.50 -6.77 8.56
C VAL B 319 -0.93 -7.25 8.47
N LEU B 320 -1.84 -6.46 9.05
CA LEU B 320 -3.23 -6.85 9.04
C LEU B 320 -3.77 -6.88 7.63
N ASN B 321 -3.42 -5.87 6.82
CA ASN B 321 -3.87 -5.90 5.45
C ASN B 321 -3.27 -7.08 4.72
N GLU B 322 -2.02 -7.39 5.01
CA GLU B 322 -1.41 -8.49 4.28
C GLU B 322 -1.99 -9.83 4.74
N ALA B 323 -2.41 -9.93 6.01
CA ALA B 323 -3.12 -11.14 6.40
C ALA B 323 -4.50 -11.17 5.74
N LEU B 324 -5.19 -10.03 5.72
CA LEU B 324 -6.42 -9.94 4.97
C LEU B 324 -6.23 -10.24 3.52
N ARG B 325 -5.07 -9.90 2.96
CA ARG B 325 -4.85 -10.24 1.56
C ARG B 325 -4.84 -11.73 1.39
N LEU B 326 -3.92 -12.39 2.09
CA LEU B 326 -3.82 -13.85 1.93
C LEU B 326 -5.15 -14.51 2.32
N TRP B 327 -5.62 -14.29 3.55
CA TRP B 327 -6.73 -15.06 4.11
C TRP B 327 -7.81 -14.14 4.60
N PRO B 328 -8.47 -13.44 3.69
CA PRO B 328 -9.61 -12.61 4.10
C PRO B 328 -10.62 -13.50 4.78
N THR B 329 -10.94 -13.16 6.01
CA THR B 329 -11.71 -14.12 6.77
C THR B 329 -13.17 -14.09 6.45
N ALA B 330 -13.69 -13.06 5.70
CA ALA B 330 -15.03 -13.23 5.19
C ALA B 330 -14.76 -13.42 3.69
N PRO B 331 -14.48 -14.64 3.27
CA PRO B 331 -13.67 -14.84 2.06
C PRO B 331 -14.44 -14.65 0.77
N ALA B 332 -15.73 -14.39 0.84
CA ALA B 332 -16.47 -14.26 -0.41
C ALA B 332 -17.63 -13.33 -0.18
N PHE B 333 -17.99 -12.65 -1.24
CA PHE B 333 -19.27 -11.99 -1.22
C PHE B 333 -19.88 -12.16 -2.57
N SER B 334 -21.16 -11.92 -2.59
CA SER B 334 -21.97 -12.29 -3.72
C SER B 334 -22.61 -11.06 -4.31
N LEU B 335 -22.75 -11.07 -5.63
CA LEU B 335 -23.35 -9.94 -6.33
C LEU B 335 -24.39 -10.49 -7.27
N TYR B 336 -25.35 -9.64 -7.64
CA TYR B 336 -26.25 -10.03 -8.72
C TYR B 336 -26.23 -8.89 -9.71
N ALA B 337 -26.45 -9.24 -10.99
CA ALA B 337 -26.46 -8.22 -12.02
C ALA B 337 -27.78 -7.48 -11.85
N LYS B 338 -27.70 -6.16 -11.67
CA LYS B 338 -28.94 -5.40 -11.58
C LYS B 338 -29.70 -5.43 -12.90
N GLU B 339 -28.98 -5.50 -14.02
CA GLU B 339 -29.60 -5.61 -15.35
C GLU B 339 -28.71 -6.48 -16.24
N ASP B 340 -29.25 -6.87 -17.40
CA ASP B 340 -28.44 -7.54 -18.42
C ASP B 340 -27.15 -6.76 -18.61
N THR B 341 -26.04 -7.47 -18.64
CA THR B 341 -24.79 -6.75 -18.74
C THR B 341 -23.77 -7.75 -19.22
N VAL B 342 -22.66 -7.24 -19.66
CA VAL B 342 -21.59 -8.10 -20.12
C VAL B 342 -20.42 -7.88 -19.18
N LEU B 343 -19.94 -8.97 -18.60
CA LEU B 343 -18.83 -8.91 -17.67
C LEU B 343 -17.50 -9.16 -18.41
N GLY B 344 -16.55 -8.25 -18.26
CA GLY B 344 -15.25 -8.47 -18.87
C GLY B 344 -15.29 -8.54 -20.38
N GLY B 345 -16.30 -7.93 -20.99
CA GLY B 345 -16.47 -7.95 -22.42
C GLY B 345 -16.74 -9.31 -23.01
N GLU B 346 -16.79 -10.37 -22.21
CA GLU B 346 -16.98 -11.67 -22.84
C GLU B 346 -17.90 -12.59 -22.06
N TYR B 347 -18.38 -12.19 -20.89
CA TYR B 347 -19.28 -13.03 -20.11
C TYR B 347 -20.61 -12.30 -20.01
N PRO B 348 -21.52 -12.54 -20.94
CA PRO B 348 -22.83 -11.89 -20.86
C PRO B 348 -23.61 -12.41 -19.66
N LEU B 349 -24.16 -11.50 -18.88
CA LEU B 349 -24.97 -11.84 -17.71
C LEU B 349 -26.38 -11.30 -17.90
N GLU B 350 -27.34 -12.12 -17.56
CA GLU B 350 -28.69 -11.62 -17.50
C GLU B 350 -28.95 -10.99 -16.14
N LYS B 351 -29.87 -10.04 -16.13
CA LYS B 351 -30.34 -9.46 -14.87
C LYS B 351 -30.59 -10.57 -13.89
N GLY B 352 -30.08 -10.38 -12.66
CA GLY B 352 -30.32 -11.33 -11.61
C GLY B 352 -29.30 -12.42 -11.53
N ASP B 353 -28.45 -12.55 -12.55
CA ASP B 353 -27.36 -13.50 -12.47
C ASP B 353 -26.46 -13.18 -11.30
N GLU B 354 -25.98 -14.25 -10.69
CA GLU B 354 -25.14 -14.14 -9.50
C GLU B 354 -23.65 -14.24 -9.79
N LEU B 355 -22.93 -13.47 -9.02
CA LEU B 355 -21.48 -13.53 -9.05
C LEU B 355 -21.03 -13.77 -7.63
N MET B 356 -19.98 -14.56 -7.49
CA MET B 356 -19.31 -14.70 -6.20
C MET B 356 -17.94 -14.11 -6.38
N VAL B 357 -17.59 -13.19 -5.50
CA VAL B 357 -16.25 -12.66 -5.46
C VAL B 357 -15.44 -13.55 -4.53
N LEU B 358 -14.50 -14.29 -5.10
CA LEU B 358 -13.70 -15.21 -4.32
C LEU B 358 -12.50 -14.41 -3.82
N ILE B 359 -12.65 -13.76 -2.67
CA ILE B 359 -11.69 -12.74 -2.29
C ILE B 359 -10.26 -13.25 -2.20
N PRO B 360 -9.97 -14.42 -1.60
CA PRO B 360 -8.57 -14.85 -1.52
C PRO B 360 -7.98 -15.04 -2.90
N GLN B 361 -8.81 -15.37 -3.90
CA GLN B 361 -8.25 -15.49 -5.24
C GLN B 361 -7.99 -14.13 -5.82
N LEU B 362 -8.94 -13.24 -5.66
CA LEU B 362 -8.75 -11.85 -6.01
C LEU B 362 -7.41 -11.37 -5.49
N HIS B 363 -7.15 -11.70 -4.25
CA HIS B 363 -5.98 -11.22 -3.58
C HIS B 363 -4.73 -11.94 -3.98
N ARG B 364 -4.87 -12.96 -4.79
CA ARG B 364 -3.72 -13.68 -5.34
C ARG B 364 -3.65 -13.39 -6.83
N ASP B 365 -4.33 -12.35 -7.26
CA ASP B 365 -4.31 -12.01 -8.68
C ASP B 365 -2.88 -11.57 -8.98
N LYS B 366 -2.08 -12.43 -9.62
CA LYS B 366 -0.66 -12.13 -9.94
C LYS B 366 -0.56 -10.90 -10.82
N THR B 367 -1.51 -10.69 -11.71
CA THR B 367 -1.63 -9.51 -12.58
C THR B 367 -1.62 -8.23 -11.74
N ILE B 368 -2.25 -8.22 -10.55
CA ILE B 368 -2.25 -7.04 -9.65
C ILE B 368 -1.07 -7.05 -8.68
N TRP B 369 -0.78 -8.18 -8.08
CA TRP B 369 0.16 -8.25 -6.94
C TRP B 369 1.56 -8.69 -7.34
N GLY B 370 1.76 -9.14 -8.58
CA GLY B 370 3.06 -9.65 -9.00
C GLY B 370 3.11 -11.11 -8.73
N ASP B 371 4.25 -11.72 -9.06
CA ASP B 371 4.38 -13.16 -8.97
C ASP B 371 4.34 -13.69 -7.55
N ASP B 372 4.81 -12.92 -6.57
CA ASP B 372 4.98 -13.43 -5.22
C ASP B 372 3.72 -13.39 -4.34
N VAL B 373 2.53 -13.75 -4.89
CA VAL B 373 1.28 -13.48 -4.19
C VAL B 373 1.15 -14.27 -2.91
N GLU B 374 1.81 -15.43 -2.82
CA GLU B 374 1.66 -16.26 -1.65
C GLU B 374 2.55 -15.82 -0.53
N GLU B 375 3.49 -14.93 -0.82
CA GLU B 375 4.42 -14.50 0.21
C GLU B 375 3.75 -13.46 1.06
N PHE B 376 4.06 -13.52 2.33
CA PHE B 376 3.47 -12.60 3.27
C PHE B 376 4.41 -11.41 3.34
N ARG B 377 3.98 -10.31 2.75
CA ARG B 377 4.83 -9.13 2.62
C ARG B 377 4.00 -7.92 2.90
N PRO B 378 3.98 -7.47 4.13
CA PRO B 378 3.15 -6.31 4.45
C PRO B 378 3.55 -5.10 3.69
N GLU B 379 4.81 -5.05 3.24
CA GLU B 379 5.33 -3.91 2.49
C GLU B 379 4.54 -3.67 1.22
N ARG B 380 3.83 -4.70 0.70
CA ARG B 380 2.88 -4.46 -0.38
C ARG B 380 1.93 -3.37 -0.01
N PHE B 381 1.68 -3.21 1.29
CA PHE B 381 0.69 -2.22 1.73
C PHE B 381 1.38 -1.00 2.28
N GLU B 382 2.70 -0.88 2.10
CA GLU B 382 3.41 0.29 2.62
C GLU B 382 2.77 1.56 2.13
N ASN B 383 2.40 1.57 0.87
CA ASN B 383 1.80 2.74 0.28
C ASN B 383 0.41 2.33 -0.19
N PRO B 384 -0.63 2.73 0.52
CA PRO B 384 -1.98 2.23 0.18
C PRO B 384 -2.43 2.65 -1.22
N SER B 385 -1.82 3.71 -1.77
CA SER B 385 -2.16 4.15 -3.13
C SER B 385 -1.49 3.30 -4.22
N ALA B 386 -0.52 2.49 -3.88
CA ALA B 386 -0.03 1.52 -4.84
C ALA B 386 -1.00 0.36 -5.11
N ILE B 387 -2.14 0.26 -4.42
CA ILE B 387 -3.06 -0.86 -4.59
C ILE B 387 -4.17 -0.45 -5.55
N PRO B 388 -4.29 -1.10 -6.72
CA PRO B 388 -5.31 -0.66 -7.68
C PRO B 388 -6.70 -0.76 -7.09
N GLN B 389 -7.62 -0.07 -7.75
CA GLN B 389 -9.00 -0.12 -7.33
C GLN B 389 -9.53 -1.54 -7.40
N HIS B 390 -10.17 -1.96 -6.33
CA HIS B 390 -10.83 -3.26 -6.26
C HIS B 390 -9.87 -4.43 -6.37
N ALA B 391 -8.58 -4.22 -6.19
CA ALA B 391 -7.70 -5.37 -6.09
C ALA B 391 -7.81 -6.03 -4.70
N PHE B 392 -8.17 -5.27 -3.70
CA PHE B 392 -8.02 -5.68 -2.30
C PHE B 392 -9.38 -5.47 -1.66
N LYS B 393 -10.15 -6.51 -1.49
CA LYS B 393 -11.53 -6.25 -1.06
C LYS B 393 -11.89 -7.09 0.17
N PRO B 394 -11.01 -7.18 1.16
CA PRO B 394 -11.33 -8.01 2.32
C PRO B 394 -12.60 -7.58 3.02
N PHE B 395 -13.04 -6.36 2.82
CA PHE B 395 -14.22 -5.82 3.49
C PHE B 395 -15.35 -5.63 2.51
N GLY B 396 -15.27 -6.33 1.40
CA GLY B 396 -16.38 -6.26 0.50
C GLY B 396 -16.31 -4.96 -0.28
N ASN B 397 -17.47 -4.57 -0.77
CA ASN B 397 -17.48 -3.56 -1.81
C ASN B 397 -18.53 -2.51 -1.58
N GLY B 398 -18.16 -1.25 -1.81
CA GLY B 398 -19.11 -0.18 -1.97
C GLY B 398 -19.96 0.02 -0.71
N GLN B 399 -21.19 0.41 -0.92
CA GLN B 399 -22.06 0.71 0.19
C GLN B 399 -22.41 -0.54 0.99
N ARG B 400 -22.25 -1.74 0.41
CA ARG B 400 -22.40 -2.98 1.16
C ARG B 400 -21.06 -3.46 1.68
N ALA B 401 -20.07 -2.56 1.73
CA ALA B 401 -18.81 -2.97 2.32
C ALA B 401 -18.99 -3.15 3.82
N CYS B 402 -18.02 -3.80 4.42
CA CYS B 402 -18.09 -4.07 5.85
C CYS B 402 -18.27 -2.79 6.65
N ILE B 403 -19.37 -2.69 7.37
CA ILE B 403 -19.55 -1.50 8.21
C ILE B 403 -18.59 -1.55 9.38
N GLY B 404 -18.19 -2.74 9.78
CA GLY B 404 -17.30 -2.85 10.92
C GLY B 404 -15.84 -2.79 10.59
N GLN B 405 -15.51 -2.37 9.36
CA GLN B 405 -14.12 -2.36 8.95
C GLN B 405 -13.23 -1.62 9.93
N GLN B 406 -13.59 -0.37 10.23
CA GLN B 406 -12.75 0.45 11.11
C GLN B 406 -12.70 -0.14 12.49
N PHE B 407 -13.83 -0.69 12.93
CA PHE B 407 -13.87 -1.36 14.20
C PHE B 407 -12.90 -2.53 14.19
N ALA B 408 -13.04 -3.40 13.17
CA ALA B 408 -12.25 -4.60 13.12
C ALA B 408 -10.78 -4.25 13.07
N LEU B 409 -10.45 -3.27 12.26
CA LEU B 409 -9.05 -2.92 12.07
C LEU B 409 -8.51 -2.24 13.29
N HIS B 410 -9.34 -1.46 13.96
CA HIS B 410 -8.84 -0.76 15.12
C HIS B 410 -8.59 -1.72 16.24
N GLU B 411 -9.58 -2.57 16.50
CA GLU B 411 -9.40 -3.68 17.42
C GLU B 411 -8.18 -4.51 17.09
N ALA B 412 -8.05 -4.90 15.83
CA ALA B 412 -6.99 -5.81 15.49
C ALA B 412 -5.63 -5.13 15.61
N THR B 413 -5.58 -3.86 15.25
CA THR B 413 -4.32 -3.14 15.32
C THR B 413 -3.90 -2.95 16.75
N LEU B 414 -4.83 -2.52 17.57
CA LEU B 414 -4.61 -2.34 18.97
C LEU B 414 -4.12 -3.60 19.59
N VAL B 415 -4.84 -4.69 19.35
CA VAL B 415 -4.53 -5.91 20.04
C VAL B 415 -3.23 -6.49 19.52
N LEU B 416 -3.07 -6.49 18.20
CA LEU B 416 -1.83 -7.00 17.68
C LEU B 416 -0.66 -6.11 18.12
N GLY B 417 -0.85 -4.80 18.11
CA GLY B 417 0.21 -3.92 18.60
C GLY B 417 0.58 -4.25 20.03
N MET B 418 -0.41 -4.45 20.88
CA MET B 418 -0.09 -4.79 22.27
C MET B 418 0.56 -6.14 22.34
N MET B 419 0.07 -7.10 21.55
CA MET B 419 0.68 -8.40 21.60
C MET B 419 2.14 -8.30 21.23
N LEU B 420 2.42 -7.54 20.20
CA LEU B 420 3.77 -7.41 19.72
C LEU B 420 4.60 -6.62 20.70
N LYS B 421 3.99 -5.67 21.40
CA LYS B 421 4.69 -4.94 22.43
C LYS B 421 5.11 -5.85 23.57
N HIS B 422 4.21 -6.75 23.95
CA HIS B 422 4.34 -7.39 25.23
C HIS B 422 4.98 -8.76 25.18
N PHE B 423 5.00 -9.39 24.02
CA PHE B 423 5.50 -10.75 23.95
C PHE B 423 6.42 -10.92 22.74
N ASP B 424 7.41 -11.75 22.93
CA ASP B 424 8.04 -12.47 21.84
C ASP B 424 7.23 -13.72 21.61
N PHE B 425 7.11 -14.12 20.37
CA PHE B 425 6.27 -15.23 20.02
C PHE B 425 7.12 -16.34 19.45
N GLU B 426 6.82 -17.53 19.88
CA GLU B 426 7.47 -18.71 19.37
C GLU B 426 6.43 -19.57 18.69
N ASP B 427 6.67 -19.93 17.43
CA ASP B 427 5.81 -20.90 16.71
C ASP B 427 6.43 -22.25 17.09
N HIS B 428 6.30 -22.59 18.38
CA HIS B 428 7.02 -23.70 18.97
C HIS B 428 6.63 -25.02 18.33
N THR B 429 5.48 -25.11 17.66
CA THR B 429 5.18 -26.37 17.03
C THR B 429 5.55 -26.39 15.55
N ASN B 430 6.12 -25.32 15.02
CA ASN B 430 6.22 -25.17 13.57
C ASN B 430 4.86 -25.43 12.94
N TYR B 431 3.89 -24.64 13.37
CA TYR B 431 2.50 -24.92 13.07
C TYR B 431 2.28 -25.02 11.57
N GLU B 432 1.59 -26.06 11.17
CA GLU B 432 1.23 -26.25 9.77
C GLU B 432 -0.13 -25.62 9.58
N LEU B 433 -0.17 -24.56 8.77
CA LEU B 433 -1.41 -23.84 8.53
C LEU B 433 -2.51 -24.80 8.16
N ASP B 434 -3.59 -24.78 8.92
CA ASP B 434 -4.69 -25.69 8.70
C ASP B 434 -5.86 -24.76 8.80
N ILE B 435 -6.46 -24.42 7.68
CA ILE B 435 -7.46 -23.36 7.71
C ILE B 435 -8.82 -24.00 7.86
N LYS B 436 -9.41 -23.80 9.01
CA LYS B 436 -10.76 -24.27 9.21
C LYS B 436 -11.74 -23.27 8.63
N GLU B 437 -12.74 -23.81 7.97
CA GLU B 437 -13.76 -22.99 7.34
C GLU B 437 -15.06 -23.21 8.06
N THR B 438 -15.63 -22.12 8.47
CA THR B 438 -17.02 -22.06 8.88
C THR B 438 -17.66 -21.21 7.80
N LEU B 439 -18.24 -20.09 8.15
CA LEU B 439 -18.52 -19.19 7.01
C LEU B 439 -17.28 -18.28 6.86
N THR B 440 -16.39 -18.33 7.83
CA THR B 440 -15.11 -17.59 7.84
C THR B 440 -13.92 -18.53 7.98
N LEU B 441 -12.74 -17.97 8.10
CA LEU B 441 -11.55 -18.77 8.03
C LEU B 441 -10.78 -18.61 9.30
N LYS B 442 -10.22 -19.70 9.78
CA LYS B 442 -9.35 -19.48 10.91
C LYS B 442 -8.23 -20.48 10.79
N PRO B 443 -7.07 -20.18 11.34
CA PRO B 443 -5.97 -21.16 11.35
C PRO B 443 -6.11 -22.16 12.47
N GLU B 444 -6.76 -23.28 12.17
CA GLU B 444 -7.15 -24.17 13.23
C GLU B 444 -5.95 -24.77 13.89
N GLY B 445 -6.03 -24.86 15.22
CA GLY B 445 -4.95 -25.42 15.98
C GLY B 445 -3.72 -24.55 16.04
N PHE B 446 -3.80 -23.34 15.55
CA PHE B 446 -2.62 -22.48 15.57
C PHE B 446 -2.27 -22.22 17.01
N VAL B 447 -1.07 -22.58 17.39
CA VAL B 447 -0.62 -22.36 18.75
C VAL B 447 0.75 -21.71 18.67
N VAL B 448 1.01 -20.85 19.67
CA VAL B 448 2.30 -20.19 19.81
C VAL B 448 2.65 -20.23 21.29
N LYS B 449 3.92 -20.03 21.56
CA LYS B 449 4.33 -19.69 22.90
C LYS B 449 4.59 -18.19 22.87
N ALA B 450 4.21 -17.54 23.92
CA ALA B 450 4.49 -16.14 24.04
C ALA B 450 5.45 -16.00 25.21
N LYS B 451 6.63 -15.46 24.96
CA LYS B 451 7.57 -15.12 26.02
C LYS B 451 7.39 -13.65 26.36
N SER B 452 7.01 -13.38 27.59
CA SER B 452 6.74 -12.01 27.97
C SER B 452 7.99 -11.16 27.84
N LYS B 453 7.84 -10.00 27.26
CA LYS B 453 8.87 -9.00 27.37
C LYS B 453 8.84 -8.25 28.70
N LYS B 454 7.92 -8.62 29.61
CA LYS B 454 7.86 -8.10 31.01
C LYS B 454 7.62 -6.61 31.06
N ILE B 455 6.88 -6.08 30.10
CA ILE B 455 6.56 -4.67 30.06
C ILE B 455 5.22 -4.51 30.79
N PRO B 456 5.16 -3.76 31.90
CA PRO B 456 3.92 -3.75 32.67
C PRO B 456 2.81 -2.98 31.97
N LEU B 457 1.58 -3.22 32.42
CA LEU B 457 0.36 -2.60 31.90
C LEU B 457 -0.16 -1.47 32.80
CHA HEM C . 8.36 12.49 -5.76
CHB HEM C . 12.58 10.28 -6.16
CHC HEM C . 11.75 9.24 -10.75
CHD HEM C . 7.71 11.80 -10.47
C1A HEM C . 9.58 11.98 -5.45
C2A HEM C . 10.28 12.03 -4.17
C3A HEM C . 11.45 11.42 -4.29
C4A HEM C . 11.52 10.94 -5.65
CMA HEM C . 12.62 11.13 -3.31
CAA HEM C . 9.66 12.70 -2.96
CBA HEM C . 10.16 14.14 -3.01
CGA HEM C . 9.74 14.90 -1.81
O1A HEM C . 9.91 16.15 -1.83
O2A HEM C . 9.25 14.26 -0.82
C1B HEM C . 12.70 9.75 -7.40
C2B HEM C . 13.77 8.92 -7.84
C3B HEM C . 13.53 8.66 -9.12
C4B HEM C . 12.31 9.31 -9.52
CMB HEM C . 15.01 8.51 -7.00
CAB HEM C . 14.37 7.86 -10.07
CBB HEM C . 15.16 6.86 -9.66
C1C HEM C . 10.55 9.81 -11.09
C2C HEM C . 9.86 9.65 -12.34
C3C HEM C . 8.74 10.37 -12.24
C4C HEM C . 8.69 10.96 -10.92
CMC HEM C . 10.39 8.84 -13.56
CAC HEM C . 7.59 10.57 -13.26
CBC HEM C . 7.88 10.75 -14.54
C1D HEM C . 7.57 12.26 -9.20
C2D HEM C . 6.45 13.03 -8.73
C3D HEM C . 6.61 13.16 -7.43
C4D HEM C . 7.83 12.56 -7.04
CMD HEM C . 5.32 13.55 -9.63
CAD HEM C . 5.73 13.93 -6.48
CBD HEM C . 4.79 12.88 -5.88
CGD HEM C . 3.75 13.54 -4.97
O1D HEM C . 2.50 13.37 -5.16
O2D HEM C . 4.25 14.21 -4.06
NA HEM C . 10.40 11.33 -6.28
NB HEM C . 11.84 9.95 -8.44
NC HEM C . 9.80 10.59 -10.30
ND HEM C . 8.37 12.00 -8.16
FE HEM C . 10.09 10.92 -8.25
N HOA D . 11.10 13.27 -8.74
O HOA D . 12.11 12.79 -9.50
C1 IC6 E . 12.89 15.21 -7.05
C3 IC6 E . 10.87 15.67 -6.44
C4 IC6 E . 11.74 15.98 -5.39
C6 IC6 E . 14.21 15.85 -5.04
C7 IC6 E . 15.03 16.92 -5.80
C8 IC6 E . 16.08 17.58 -4.94
C09 IC6 E . 16.06 17.09 -3.49
C10 IC6 E . 15.58 18.16 -2.51
C11 IC6 E . 16.83 18.76 -1.84
C13 IC6 E . 18.89 19.24 -0.44
C14 IC6 E . 18.67 20.24 0.69
C17 IC6 E . 20.40 19.28 -0.72
C18 IC6 E . 20.86 20.54 -1.45
C19 IC6 E . 20.91 20.63 -2.82
C20 IC6 E . 21.34 21.84 -3.40
C21 IC6 E . 21.71 22.92 -2.60
C22 IC6 E . 21.63 22.82 -1.23
C23 IC6 E . 21.23 21.61 -0.65
N2 IC6 E . 11.62 15.20 -7.43
N5 IC6 E . 12.97 15.68 -5.81
N12 IC6 E . 18.04 19.56 -1.60
O15 IC6 E . 17.77 21.13 0.61
O16 IC6 E . 19.40 20.14 1.68
O24 IC6 E . 16.67 19.51 -2.76
C1 IC6 F . 13.95 15.85 -6.80
C3 IC6 F . 12.25 15.12 -5.66
C4 IC6 F . 12.89 16.12 -4.92
C6 IC6 F . 14.91 17.56 -5.22
C7 IC6 F . 15.46 17.32 -3.79
C8 IC6 F . 16.43 18.44 -3.32
C09 IC6 F . 16.61 18.58 -1.77
C10 IC6 F . 16.86 19.99 -1.17
C11 IC6 F . 18.28 20.21 -0.53
C13 IC6 F . 17.93 22.28 1.19
C14 IC6 F . 16.72 23.05 0.65
C17 IC6 F . 19.00 23.33 1.18
C18 IC6 F . 18.75 24.53 2.08
C19 IC6 F . 18.66 25.76 1.47
C20 IC6 F . 18.47 26.93 2.23
C21 IC6 F . 18.40 26.82 3.60
C22 IC6 F . 18.52 25.57 4.21
C23 IC6 F . 18.71 24.40 3.47
N2 IC6 F . 12.94 14.98 -6.80
N5 IC6 F . 13.94 16.53 -5.65
N12 IC6 F . 18.63 21.21 0.47
O15 IC6 F . 15.99 23.66 1.47
O16 IC6 F . 16.46 23.19 -0.55
O24 IC6 F . 19.18 19.49 -0.86
CB PCR G . 7.22 18.32 -23.49
CG PCR G . 7.66 18.99 -24.76
CD1 PCR G . 7.60 18.33 -25.97
CE1 PCR G . 8.00 18.93 -27.16
CD2 PCR G . 8.15 20.27 -24.75
CE2 PCR G . 8.57 20.90 -25.93
CZ PCR G . 8.50 20.22 -27.13
OH PCR G . 8.90 20.82 -28.28
CHA HEM H . -20.02 -6.71 5.75
CHB HEM H . -15.66 -8.55 6.08
CHC HEM H . -15.62 -7.50 10.67
CHD HEM H . -20.05 -6.00 10.49
C1A HEM H . -18.87 -7.30 5.40
C2A HEM H . -18.47 -7.77 4.10
C3A HEM H . -17.30 -8.35 4.22
C4A HEM H . -16.87 -8.17 5.59
CMA HEM H . -16.41 -8.97 3.13
CAA HEM H . -19.35 -7.74 2.86
CBA HEM H . -20.10 -9.10 2.91
CGA HEM H . -20.95 -9.26 1.66
O1A HEM H . -21.76 -10.23 1.62
O2A HEM H . -20.78 -8.45 0.66
C1B HEM H . -15.19 -8.43 7.33
C2B HEM H . -13.86 -8.72 7.83
C3B HEM H . -13.93 -8.40 9.12
C4B HEM H . -15.23 -7.90 9.44
CMB HEM H . -12.67 -9.31 7.04
CAB HEM H . -12.93 -8.52 10.24
CBB HEM H . -11.63 -8.43 9.98
C1C HEM H . -16.78 -6.95 11.04
C2C HEM H . -17.11 -6.45 12.36
C3C HEM H . -18.35 -5.98 12.30
C4C HEM H . -18.82 -6.25 10.96
CMC HEM H . -16.13 -6.41 13.51
CAC HEM H . -19.25 -5.33 13.38
CBC HEM H . -19.35 -5.76 14.62
C1D HEM H . -20.41 -6.04 9.19
C2D HEM H . -21.70 -5.74 8.71
C3D HEM H . -21.67 -5.90 7.40
C4D HEM H . -20.39 -6.40 7.04
CMD HEM H . -22.88 -5.28 9.57
CAD HEM H . -22.81 -5.70 6.37
CBD HEM H . -22.63 -4.30 5.84
CGD HEM H . -23.77 -3.84 4.99
O1D HEM H . -24.49 -2.82 5.30
O2D HEM H . -24.03 -4.57 4.02
NA HEM H . -17.88 -7.58 6.25
NB HEM H . -15.96 -7.96 8.35
NC HEM H . -17.87 -6.86 10.26
ND HEM H . -19.67 -6.47 8.15
FE HEM H . -17.76 -7.21 8.27
N HOA I . -18.79 -9.42 8.53
O HOA I . -18.00 -9.96 9.43
CB PCR J . -19.76 -16.28 10.19
CG PCR J . -20.30 -14.96 9.81
CD1 PCR J . -19.75 -13.81 10.32
CE1 PCR J . -20.23 -12.56 9.98
CD2 PCR J . -21.38 -14.84 8.97
CE2 PCR J . -21.88 -13.60 8.63
CZ PCR J . -21.30 -12.46 9.13
OH PCR J . -21.74 -11.22 8.80
C1 IC6 K . -19.20 -11.79 6.86
C3 IC6 K . -20.94 -10.57 6.40
C4 IC6 K . -20.74 -11.47 5.36
C6 IC6 K . -19.08 -13.26 4.89
C7 IC6 K . -19.46 -14.52 5.68
C8 IC6 K . -19.45 -15.78 4.83
C09 IC6 K . -18.74 -15.58 3.46
C10 IC6 K . -19.76 -15.80 2.34
C11 IC6 K . -19.43 -17.11 1.65
C13 IC6 K . -18.49 -18.87 0.15
C14 IC6 K . -19.35 -19.23 -1.05
C17 IC6 K . -17.64 -20.10 0.45
C18 IC6 K . -18.38 -21.23 1.12
C19 IC6 K . -18.49 -21.33 2.49
C20 IC6 K . -19.16 -22.42 3.05
C21 IC6 K . -19.73 -23.40 2.22
C22 IC6 K . -19.64 -23.28 0.84
C23 IC6 K . -18.95 -22.21 0.31
N2 IC6 K . -19.98 -10.82 7.29
N5 IC6 K . -19.66 -12.17 5.68
N12 IC6 K . -19.30 -18.54 1.33
O15 IC6 K . -20.61 -19.19 -0.91
O16 IC6 K . -18.85 -19.57 -2.13
O24 IC6 K . -20.10 -17.54 2.56
C1 IC6 L . -19.03 -13.17 6.63
C3 IC6 L . -19.87 -11.37 5.78
C4 IC6 L . -20.30 -12.46 5.04
C6 IC6 L . -19.97 -14.93 5.10
C7 IC6 L . -19.35 -15.24 3.72
C8 IC6 L . -20.18 -16.31 2.97
C09 IC6 L . -19.41 -17.21 1.98
C10 IC6 L . -20.12 -17.52 0.64
C11 IC6 L . -19.63 -18.87 0.09
C13 IC6 L . -21.51 -19.97 -1.66
C14 IC6 L . -22.91 -19.58 -1.17
C17 IC6 L . -21.52 -21.48 -1.85
C18 IC6 L . -22.59 -22.03 -2.76
C19 IC6 L . -23.60 -22.79 -2.18
C20 IC6 L . -24.62 -23.34 -2.94
C21 IC6 L . -24.61 -23.15 -4.31
C22 IC6 L . -23.59 -22.40 -4.90
C23 IC6 L . -22.56 -21.83 -4.12
N2 IC6 L . -19.08 -11.84 6.74
N5 IC6 L . -19.76 -13.56 5.59
N12 IC6 L . -20.27 -19.82 -0.85
O15 IC6 L . -23.83 -19.35 -2.03
O16 IC6 L . -23.17 -19.49 0.04
O24 IC6 L . -18.56 -19.22 0.47
CB PCR M . -24.75 -8.30 23.71
CG PCR M . -25.42 -9.60 24.15
CD1 PCR M . -25.33 -9.91 25.50
CE1 PCR M . -25.88 -11.07 26.00
CD2 PCR M . -26.12 -10.48 23.31
CE2 PCR M . -26.71 -11.65 23.84
CZ PCR M . -26.54 -11.94 25.19
OH PCR M . -27.08 -13.06 25.82
#